data_7PSN
#
_entry.id   7PSN
#
_cell.length_a   1.00
_cell.length_b   1.00
_cell.length_c   1.00
_cell.angle_alpha   90.00
_cell.angle_beta   90.00
_cell.angle_gamma   90.00
#
_symmetry.space_group_name_H-M   'P 1'
#
loop_
_entity.id
_entity.type
_entity.pdbx_description
1 polymer 'Iron-sulfur clusters transporter ATM1, mitochondrial'
2 non-polymer 'PHOSPHOAMINOPHOSPHONIC ACID-ADENYLATE ESTER'
3 non-polymer 'MAGNESIUM ION'
4 non-polymer '(1R)-2-{[(R)-(2-AMINOETHOXY)(HYDROXY)PHOSPHORYL]OXY}-1-[(DODECANOYLOXY)METHYL]ETHYL (9Z)-OCTADEC-9-ENOATE'
#
_entity_poly.entity_id   1
_entity_poly.type   'polypeptide(L)'
_entity_poly.pdbx_seq_one_letter_code
;LKDLFRYIWPKGNNKVRIRVLIALGLLISAKILNVQVPFFFKQTIDSMNIAWDDPTVALPAAIGLTILCYGVARFGSVLF
GELRNAVFAKVAQNAIRTVSLQTFQHLMKLDLGWHLSRQTGGLTRAMDRGTKGISQVLTAMVFHIIPISFEISVVCGILT
YQFGASFAAITFSTMLLYSIFTIKTTAWRTHFRRDANKADNKAASVALDSLINFEAVKYFNNEKYLADKYNGSLMNYRDS
QIKVSQSLAFLNSGQNLIFTTALTAMMYMGCTGVIGGNLTVGDLVLINQLVFQLSVPLNFLGSVYRDLKQSLIDMETLFK
LRKNEVKIKNAERPLMLPENVPYDITFENVTFGYHPDRKILKNASFTIPAGWKTAIVGSSGSGKSTILKLVFRFYDPESG
RILINGRDIKEYDIDALRKVIGVVPQDTPLFNDTIWENVKFGRIDATDEEVITVVEKAQLAPLIKKLPQGFDTIVGERGL
MISGGEKQRLAIARVLLKNARIMFFDEATSALDTHTEQALLRTIRDNFTSGSRTSVYIAHRLRTIADADKIIVLDNGRVR
EEGKHLELLAMPGSLYRELWTIQEDLDHLENELKDQQELWSHPQFEK
;
_entity_poly.pdbx_strand_id   A,B
#
loop_
_chem_comp.id
_chem_comp.type
_chem_comp.name
_chem_comp.formula
ANP non-polymer 'PHOSPHOAMINOPHOSPHONIC ACID-ADENYLATE ESTER' 'C10 H17 N6 O12 P3'
LOP non-polymer '(1R)-2-{[(R)-(2-AMINOETHOXY)(HYDROXY)PHOSPHORYL]OXY}-1-[(DODECANOYLOXY)METHYL]ETHYL (9Z)-OCTADEC-9-ENOATE' 'C35 H68 N O8 P'
MG non-polymer 'MAGNESIUM ION' 'Mg 2'
#
# COMPACT_ATOMS: atom_id res chain seq x y z
N LEU A 1 17.11 15.50 2.48
CA LEU A 1 17.87 15.16 3.68
C LEU A 1 17.92 16.33 4.66
N LYS A 2 17.08 17.33 4.44
CA LYS A 2 17.02 18.50 5.31
C LYS A 2 15.88 18.41 6.32
N ASP A 3 14.68 18.05 5.87
CA ASP A 3 13.55 17.90 6.79
C ASP A 3 13.84 16.82 7.81
N LEU A 4 14.50 15.74 7.41
CA LEU A 4 14.88 14.70 8.34
C LEU A 4 15.76 15.27 9.45
N PHE A 5 16.74 16.09 9.08
CA PHE A 5 17.56 16.73 10.10
C PHE A 5 16.73 17.67 10.96
N ARG A 6 15.63 18.18 10.42
CA ARG A 6 14.74 19.01 11.22
C ARG A 6 13.91 18.19 12.20
N TYR A 7 13.73 16.90 11.93
CA TYR A 7 13.00 16.05 12.85
C TYR A 7 13.90 15.39 13.89
N ILE A 8 15.14 15.07 13.52
CA ILE A 8 16.08 14.47 14.48
C ILE A 8 16.89 15.49 15.26
N TRP A 9 16.84 16.77 14.87
CA TRP A 9 17.61 17.83 15.54
C TRP A 9 16.77 19.09 15.56
N PRO A 10 15.63 19.06 16.26
CA PRO A 10 14.67 20.15 16.20
C PRO A 10 14.98 21.28 17.17
N LYS A 11 14.31 22.40 16.95
CA LYS A 11 14.37 23.51 17.89
C LYS A 11 13.63 23.14 19.17
N GLY A 12 14.29 23.33 20.31
CA GLY A 12 13.75 22.85 21.56
C GLY A 12 13.91 21.35 21.67
N ASN A 13 13.37 20.81 22.78
CA ASN A 13 13.44 19.39 23.05
C ASN A 13 14.90 18.91 23.09
N ASN A 14 15.64 19.44 24.06
CA ASN A 14 17.05 19.09 24.20
C ASN A 14 17.25 17.61 24.46
N LYS A 15 16.19 16.88 24.83
CA LYS A 15 16.33 15.46 25.08
C LYS A 15 16.81 14.72 23.84
N VAL A 16 16.14 14.94 22.71
CA VAL A 16 16.52 14.24 21.48
C VAL A 16 17.89 14.71 21.01
N ARG A 17 18.23 15.97 21.21
CA ARG A 17 19.56 16.45 20.83
C ARG A 17 20.65 15.77 21.65
N ILE A 18 20.43 15.63 22.95
CA ILE A 18 21.39 14.92 23.80
C ILE A 18 21.48 13.47 23.40
N ARG A 19 20.35 12.85 23.06
CA ARG A 19 20.37 11.47 22.60
C ARG A 19 21.20 11.32 21.34
N VAL A 20 21.03 12.26 20.40
CA VAL A 20 21.79 12.19 19.15
C VAL A 20 23.27 12.40 19.43
N LEU A 21 23.60 13.31 20.34
CA LEU A 21 25.01 13.55 20.66
C LEU A 21 25.64 12.32 21.30
N ILE A 22 24.89 11.63 22.17
CA ILE A 22 25.42 10.43 22.78
C ILE A 22 25.61 9.34 21.73
N ALA A 23 24.66 9.20 20.82
CA ALA A 23 24.83 8.25 19.72
C ALA A 23 26.09 8.57 18.93
N LEU A 24 26.33 9.86 18.67
CA LEU A 24 27.50 10.27 17.92
C LEU A 24 28.78 9.92 18.69
N GLY A 25 28.79 10.17 19.99
CA GLY A 25 29.96 9.83 20.79
C GLY A 25 30.24 8.34 20.79
N LEU A 26 29.19 7.54 20.88
CA LEU A 26 29.38 6.09 20.86
C LEU A 26 29.89 5.63 19.49
N LEU A 27 29.37 6.23 18.42
CA LEU A 27 29.90 5.96 17.09
C LEU A 27 31.39 6.25 17.02
N ILE A 28 31.77 7.45 17.47
CA ILE A 28 33.18 7.84 17.48
C ILE A 28 34.01 6.80 18.21
N SER A 29 33.63 6.47 19.44
CA SER A 29 34.44 5.56 20.24
C SER A 29 34.48 4.17 19.62
N ALA A 30 33.38 3.73 19.02
CA ALA A 30 33.37 2.44 18.34
C ALA A 30 34.40 2.40 17.24
N LYS A 31 34.43 3.44 16.40
CA LYS A 31 35.42 3.45 15.33
C LYS A 31 36.83 3.58 15.87
N ILE A 32 37.01 4.29 16.98
CA ILE A 32 38.33 4.41 17.58
C ILE A 32 38.84 3.05 17.99
N LEU A 33 38.00 2.25 18.65
CA LEU A 33 38.44 0.92 19.08
C LEU A 33 38.63 0.00 17.89
N ASN A 34 37.76 0.08 16.89
CA ASN A 34 37.92 -0.74 15.70
C ASN A 34 39.18 -0.38 14.94
N VAL A 35 39.68 0.84 15.10
CA VAL A 35 40.95 1.23 14.49
C VAL A 35 42.14 0.93 15.37
N GLN A 36 41.93 0.77 16.68
CA GLN A 36 43.01 0.50 17.61
C GLN A 36 43.31 -0.98 17.76
N VAL A 37 42.32 -1.85 17.52
CA VAL A 37 42.52 -3.29 17.69
C VAL A 37 43.68 -3.80 16.83
N PRO A 38 43.88 -3.33 15.60
CA PRO A 38 44.98 -3.87 14.80
C PRO A 38 46.35 -3.52 15.38
N PHE A 39 46.46 -2.43 16.13
CA PHE A 39 47.73 -2.12 16.77
C PHE A 39 48.06 -3.14 17.85
N PHE A 40 47.06 -3.57 18.62
CA PHE A 40 47.28 -4.66 19.57
C PHE A 40 47.67 -5.93 18.84
N PHE A 41 47.02 -6.20 17.71
CA PHE A 41 47.39 -7.38 16.93
C PHE A 41 48.86 -7.31 16.49
N LYS A 42 49.27 -6.15 15.99
CA LYS A 42 50.66 -5.97 15.60
C LYS A 42 51.60 -6.15 16.79
N GLN A 43 51.23 -5.64 17.96
CA GLN A 43 52.08 -5.78 19.12
C GLN A 43 52.27 -7.25 19.47
N THR A 44 51.19 -8.02 19.52
CA THR A 44 51.33 -9.43 19.85
C THR A 44 52.11 -10.18 18.77
N ILE A 45 51.92 -9.81 17.51
CA ILE A 45 52.69 -10.44 16.44
C ILE A 45 54.18 -10.19 16.67
N ASP A 46 54.58 -8.93 16.69
CA ASP A 46 55.99 -8.57 16.83
C ASP A 46 56.57 -8.99 18.16
N SER A 47 55.75 -9.33 19.15
CA SER A 47 56.25 -9.84 20.41
C SER A 47 56.36 -11.35 20.42
N MET A 48 55.64 -12.05 19.55
CA MET A 48 55.77 -13.49 19.41
C MET A 48 56.82 -13.88 18.37
N ASN A 49 57.34 -12.92 17.61
CA ASN A 49 58.31 -13.20 16.57
C ASN A 49 59.70 -13.50 17.11
N ILE A 50 59.90 -13.43 18.43
CA ILE A 50 61.19 -13.72 19.03
C ILE A 50 61.46 -15.21 18.97
N ALA A 51 62.69 -15.61 19.23
CA ALA A 51 63.09 -17.01 19.24
C ALA A 51 62.94 -17.57 20.64
N TRP A 52 62.05 -18.54 20.79
CA TRP A 52 61.83 -19.21 22.07
C TRP A 52 62.75 -20.42 22.17
N ASP A 53 63.47 -20.52 23.29
CA ASP A 53 64.45 -21.57 23.49
C ASP A 53 63.95 -22.68 24.41
N ASP A 54 62.66 -22.70 24.72
CA ASP A 54 62.11 -23.75 25.57
C ASP A 54 60.65 -23.96 25.22
N PRO A 55 60.30 -25.06 24.53
CA PRO A 55 58.89 -25.29 24.19
C PRO A 55 57.96 -25.35 25.39
N THR A 56 58.49 -25.56 26.60
CA THR A 56 57.66 -25.66 27.79
C THR A 56 57.41 -24.31 28.46
N VAL A 57 58.06 -23.24 27.99
CA VAL A 57 57.88 -21.93 28.61
C VAL A 57 56.41 -21.56 28.59
N ALA A 58 55.96 -20.92 29.65
CA ALA A 58 54.59 -20.42 29.72
C ALA A 58 54.49 -19.06 29.05
N LEU A 59 53.29 -18.74 28.57
CA LEU A 59 53.10 -17.49 27.85
C LEU A 59 53.37 -16.31 28.78
N PRO A 60 54.24 -15.38 28.41
CA PRO A 60 54.45 -14.19 29.24
C PRO A 60 53.14 -13.45 29.48
N ALA A 61 53.15 -12.64 30.54
CA ALA A 61 51.93 -11.93 30.92
C ALA A 61 51.65 -10.74 30.02
N ALA A 62 52.69 -10.09 29.50
CA ALA A 62 52.46 -8.93 28.64
C ALA A 62 51.68 -9.32 27.39
N ILE A 63 52.02 -10.47 26.79
CA ILE A 63 51.37 -10.87 25.56
C ILE A 63 49.94 -11.34 25.84
N GLY A 64 49.74 -12.08 26.93
CA GLY A 64 48.38 -12.41 27.33
C GLY A 64 47.55 -11.16 27.54
N LEU A 65 48.13 -10.14 28.15
CA LEU A 65 47.38 -8.92 28.43
C LEU A 65 47.07 -8.16 27.15
N THR A 66 47.99 -8.13 26.19
CA THR A 66 47.72 -7.42 24.95
C THR A 66 46.72 -8.17 24.08
N ILE A 67 46.71 -9.51 24.15
CA ILE A 67 45.68 -10.27 23.46
C ILE A 67 44.33 -10.00 24.11
N LEU A 68 44.30 -9.96 25.44
CA LEU A 68 43.09 -9.58 26.14
C LEU A 68 42.60 -8.21 25.68
N CYS A 69 43.52 -7.25 25.57
CA CYS A 69 43.15 -5.92 25.12
C CYS A 69 42.61 -5.95 23.69
N TYR A 70 43.20 -6.78 22.84
CA TYR A 70 42.72 -6.93 21.47
C TYR A 70 41.26 -7.39 21.46
N GLY A 71 40.98 -8.48 22.17
CA GLY A 71 39.62 -8.97 22.23
C GLY A 71 38.66 -7.97 22.84
N VAL A 72 39.10 -7.28 23.89
CA VAL A 72 38.25 -6.32 24.57
C VAL A 72 37.94 -5.15 23.65
N ALA A 73 38.90 -4.72 22.84
CA ALA A 73 38.66 -3.61 21.92
C ALA A 73 37.69 -4.03 20.82
N ARG A 74 37.85 -5.25 20.29
CA ARG A 74 36.89 -5.74 19.31
C ARG A 74 35.48 -5.76 19.90
N PHE A 75 35.33 -6.35 21.08
CA PHE A 75 34.02 -6.41 21.72
C PHE A 75 33.47 -5.01 21.99
N GLY A 76 34.32 -4.10 22.46
CA GLY A 76 33.87 -2.76 22.74
C GLY A 76 33.41 -2.03 21.50
N SER A 77 34.10 -2.22 20.38
CA SER A 77 33.65 -1.64 19.13
C SER A 77 32.24 -2.11 18.80
N VAL A 78 32.04 -3.43 18.82
CA VAL A 78 30.71 -3.95 18.47
C VAL A 78 29.68 -3.47 19.48
N LEU A 79 30.06 -3.39 20.75
CA LEU A 79 29.13 -3.01 21.81
C LEU A 79 28.68 -1.57 21.62
N PHE A 80 29.62 -0.66 21.40
CA PHE A 80 29.27 0.73 21.17
C PHE A 80 28.43 0.88 19.91
N GLY A 81 28.75 0.10 18.87
CA GLY A 81 27.90 0.10 17.69
C GLY A 81 26.46 -0.25 18.01
N GLU A 82 26.27 -1.28 18.84
CA GLU A 82 24.91 -1.73 19.13
C GLU A 82 24.19 -0.75 20.06
N LEU A 83 24.91 -0.17 21.02
CA LEU A 83 24.28 0.85 21.86
C LEU A 83 23.86 2.06 21.04
N ARG A 84 24.71 2.47 20.11
CA ARG A 84 24.33 3.54 19.18
C ARG A 84 23.07 3.17 18.41
N ASN A 85 23.03 1.94 17.90
CA ASN A 85 21.84 1.48 17.20
C ASN A 85 20.60 1.64 18.07
N ALA A 86 20.68 1.18 19.32
CA ALA A 86 19.53 1.26 20.23
C ALA A 86 19.09 2.69 20.45
N VAL A 87 20.02 3.56 20.82
CA VAL A 87 19.69 4.95 21.12
C VAL A 87 19.05 5.62 19.90
N PHE A 88 19.73 5.55 18.75
CA PHE A 88 19.17 6.21 17.59
C PHE A 88 17.91 5.53 17.09
N ALA A 89 17.65 4.29 17.49
CA ALA A 89 16.34 3.71 17.23
C ALA A 89 15.28 4.42 18.04
N LYS A 90 15.54 4.60 19.34
CA LYS A 90 14.61 5.36 20.17
C LYS A 90 14.35 6.74 19.59
N VAL A 91 15.33 7.30 18.88
CA VAL A 91 15.13 8.63 18.29
C VAL A 91 14.34 8.54 16.98
N ALA A 92 14.77 7.66 16.08
CA ALA A 92 14.17 7.59 14.75
C ALA A 92 12.71 7.16 14.81
N GLN A 93 12.36 6.29 15.76
CA GLN A 93 10.97 5.87 15.84
C GLN A 93 10.07 7.01 16.28
N ASN A 94 10.54 7.83 17.22
CA ASN A 94 9.80 9.04 17.56
C ASN A 94 9.65 9.95 16.36
N ALA A 95 10.73 10.11 15.58
CA ALA A 95 10.64 10.94 14.38
C ALA A 95 9.59 10.42 13.41
N ILE A 96 9.59 9.10 13.19
CA ILE A 96 8.65 8.50 12.25
C ILE A 96 7.22 8.67 12.73
N ARG A 97 6.98 8.42 14.02
CA ARG A 97 5.65 8.66 14.58
C ARG A 97 5.21 10.10 14.32
N THR A 98 6.10 11.06 14.63
CA THR A 98 5.75 12.46 14.47
C THR A 98 5.39 12.78 13.03
N VAL A 99 6.20 12.32 12.09
CA VAL A 99 5.98 12.69 10.69
C VAL A 99 4.72 12.00 10.16
N SER A 100 4.49 10.74 10.54
CA SER A 100 3.28 10.06 10.11
C SER A 100 2.04 10.79 10.60
N LEU A 101 2.03 11.17 11.87
CA LEU A 101 0.86 11.85 12.41
C LEU A 101 0.66 13.21 11.79
N GLN A 102 1.75 13.98 11.58
CA GLN A 102 1.62 15.28 10.96
C GLN A 102 1.10 15.15 9.54
N THR A 103 1.58 14.15 8.80
CA THR A 103 1.14 13.94 7.44
C THR A 103 -0.34 13.57 7.39
N PHE A 104 -0.78 12.71 8.31
CA PHE A 104 -2.20 12.38 8.39
C PHE A 104 -3.04 13.62 8.68
N GLN A 105 -2.63 14.40 9.68
CA GLN A 105 -3.35 15.62 10.00
C GLN A 105 -3.46 16.53 8.78
N HIS A 106 -2.35 16.71 8.06
CA HIS A 106 -2.39 17.55 6.87
C HIS A 106 -3.37 17.01 5.85
N LEU A 107 -3.20 15.74 5.45
CA LEU A 107 -4.12 15.12 4.52
C LEU A 107 -5.56 15.37 4.92
N MET A 108 -5.85 15.34 6.22
CA MET A 108 -7.18 15.68 6.69
C MET A 108 -7.48 17.16 6.54
N LYS A 109 -6.45 18.00 6.47
CA LYS A 109 -6.66 19.44 6.33
C LYS A 109 -6.81 19.88 4.88
N LEU A 110 -6.28 19.12 3.95
CA LEU A 110 -6.28 19.52 2.55
C LEU A 110 -7.71 19.60 2.03
N ASP A 111 -7.83 20.13 0.81
CA ASP A 111 -9.13 20.31 0.18
C ASP A 111 -9.57 19.01 -0.48
N LEU A 112 -10.74 19.05 -1.11
CA LEU A 112 -11.30 17.87 -1.74
C LEU A 112 -10.69 17.62 -3.10
N GLY A 113 -10.66 18.64 -3.95
CA GLY A 113 -10.10 18.51 -5.29
C GLY A 113 -8.74 17.85 -5.31
N TRP A 114 -8.02 17.94 -4.18
CA TRP A 114 -6.72 17.30 -4.07
C TRP A 114 -6.85 15.82 -3.76
N HIS A 115 -7.93 15.42 -3.09
CA HIS A 115 -8.13 14.01 -2.77
C HIS A 115 -8.81 13.26 -3.91
N LEU A 116 -9.74 13.92 -4.60
CA LEU A 116 -10.43 13.28 -5.72
C LEU A 116 -9.49 13.09 -6.90
N SER A 117 -8.55 14.00 -7.10
CA SER A 117 -7.61 13.90 -8.19
C SER A 117 -6.64 12.73 -8.01
N ARG A 118 -6.59 12.17 -6.82
CA ARG A 118 -5.58 11.17 -6.47
C ARG A 118 -6.25 9.92 -5.91
N GLN A 119 -5.55 8.79 -6.05
CA GLN A 119 -6.06 7.51 -5.63
C GLN A 119 -5.53 7.18 -4.24
N THR A 120 -6.45 6.87 -3.32
CA THR A 120 -6.09 6.72 -1.92
C THR A 120 -5.01 5.65 -1.72
N GLY A 121 -5.11 4.55 -2.44
CA GLY A 121 -4.07 3.55 -2.38
C GLY A 121 -2.70 4.14 -2.65
N GLY A 122 -2.64 5.11 -3.56
CA GLY A 122 -1.37 5.78 -3.82
C GLY A 122 -0.85 6.54 -2.62
N LEU A 123 -1.75 7.24 -1.91
CA LEU A 123 -1.34 7.96 -0.72
C LEU A 123 -0.82 7.01 0.35
N THR A 124 -1.56 5.92 0.61
CA THR A 124 -1.13 4.98 1.63
C THR A 124 0.18 4.30 1.25
N ARG A 125 0.34 4.00 -0.04
CA ARG A 125 1.60 3.41 -0.50
C ARG A 125 2.75 4.38 -0.33
N ALA A 126 2.54 5.65 -0.67
CA ALA A 126 3.58 6.65 -0.47
C ALA A 126 3.94 6.77 0.99
N MET A 127 2.95 6.77 1.89
CA MET A 127 3.23 6.91 3.30
C MET A 127 4.02 5.72 3.84
N ASP A 128 3.60 4.51 3.49
CA ASP A 128 4.33 3.32 3.92
C ASP A 128 5.76 3.33 3.39
N ARG A 129 5.91 3.56 2.09
CA ARG A 129 7.24 3.59 1.50
C ARG A 129 8.09 4.68 2.12
N GLY A 130 7.48 5.80 2.50
CA GLY A 130 8.24 6.90 3.06
C GLY A 130 8.69 6.63 4.48
N THR A 131 7.85 5.97 5.27
CA THR A 131 8.28 5.58 6.60
C THR A 131 9.40 4.55 6.54
N LYS A 132 9.25 3.55 5.67
CA LYS A 132 10.35 2.60 5.50
C LYS A 132 11.60 3.28 4.96
N GLY A 133 11.43 4.33 4.16
CA GLY A 133 12.58 5.03 3.64
C GLY A 133 13.28 5.85 4.69
N ILE A 134 12.52 6.49 5.56
CA ILE A 134 13.13 7.17 6.72
C ILE A 134 13.93 6.16 7.53
N SER A 135 13.31 5.02 7.84
CA SER A 135 13.98 4.00 8.63
C SER A 135 15.28 3.59 7.98
N GLN A 136 15.25 3.27 6.68
CA GLN A 136 16.45 2.79 6.00
C GLN A 136 17.48 3.89 5.86
N VAL A 137 17.05 5.11 5.55
CA VAL A 137 17.99 6.21 5.41
C VAL A 137 18.76 6.43 6.70
N LEU A 138 18.07 6.41 7.84
CA LEU A 138 18.75 6.60 9.10
C LEU A 138 19.63 5.39 9.43
N THR A 139 19.05 4.19 9.36
CA THR A 139 19.79 2.95 9.60
C THR A 139 21.04 2.85 8.72
N ALA A 140 21.09 3.57 7.62
CA ALA A 140 22.25 3.57 6.74
C ALA A 140 23.19 4.74 6.98
N MET A 141 22.65 5.90 7.34
CA MET A 141 23.46 7.09 7.52
C MET A 141 24.11 7.17 8.90
N VAL A 142 23.65 6.38 9.86
CA VAL A 142 24.27 6.35 11.18
C VAL A 142 24.84 4.99 11.53
N PHE A 143 24.71 3.99 10.66
CA PHE A 143 25.35 2.71 10.86
C PHE A 143 26.48 2.44 9.87
N HIS A 144 26.31 2.83 8.61
CA HIS A 144 27.19 2.35 7.55
C HIS A 144 27.57 3.41 6.53
N ILE A 145 27.44 4.69 6.85
CA ILE A 145 27.89 5.75 5.96
C ILE A 145 28.81 6.71 6.71
N ILE A 146 28.32 7.26 7.80
CA ILE A 146 29.09 8.20 8.61
C ILE A 146 30.21 7.44 9.31
N PRO A 147 29.95 6.27 9.89
CA PRO A 147 31.03 5.53 10.54
C PRO A 147 32.14 5.14 9.58
N ILE A 148 31.79 4.63 8.40
CA ILE A 148 32.81 4.26 7.45
C ILE A 148 33.58 5.48 6.97
N SER A 149 32.92 6.64 6.92
CA SER A 149 33.61 7.87 6.52
C SER A 149 34.63 8.28 7.59
N PHE A 150 34.22 8.26 8.86
CA PHE A 150 35.14 8.58 9.94
C PHE A 150 36.31 7.59 9.96
N GLU A 151 36.02 6.31 9.72
CA GLU A 151 37.08 5.31 9.73
C GLU A 151 38.03 5.52 8.56
N ILE A 152 37.52 5.86 7.39
CA ILE A 152 38.37 6.15 6.25
C ILE A 152 39.26 7.35 6.54
N SER A 153 38.68 8.38 7.17
CA SER A 153 39.48 9.56 7.49
C SER A 153 40.62 9.21 8.43
N VAL A 154 40.32 8.50 9.52
CA VAL A 154 41.36 8.20 10.49
C VAL A 154 42.38 7.21 9.90
N VAL A 155 41.95 6.32 9.00
CA VAL A 155 42.88 5.40 8.38
C VAL A 155 43.84 6.17 7.46
N CYS A 156 43.30 7.08 6.66
CA CYS A 156 44.17 7.92 5.84
C CYS A 156 45.16 8.67 6.72
N GLY A 157 44.68 9.23 7.83
CA GLY A 157 45.58 9.94 8.72
C GLY A 157 46.68 9.06 9.28
N ILE A 158 46.32 7.84 9.70
CA ILE A 158 47.30 6.94 10.29
C ILE A 158 48.33 6.54 9.26
N LEU A 159 47.88 6.12 8.09
CA LEU A 159 48.81 5.66 7.06
C LEU A 159 49.63 6.81 6.49
N THR A 160 49.20 8.05 6.69
CA THR A 160 49.98 9.21 6.30
C THR A 160 50.97 9.64 7.37
N TYR A 161 50.66 9.39 8.63
CA TYR A 161 51.49 9.84 9.75
C TYR A 161 52.50 8.81 10.20
N GLN A 162 52.24 7.52 9.98
CA GLN A 162 53.06 6.45 10.54
C GLN A 162 53.91 5.72 9.50
N PHE A 163 53.58 5.81 8.21
CA PHE A 163 54.30 5.07 7.18
C PHE A 163 54.67 5.98 6.01
N GLY A 164 54.80 7.27 6.27
CA GLY A 164 55.27 8.19 5.24
C GLY A 164 54.14 8.76 4.41
N ALA A 165 54.55 9.51 3.38
CA ALA A 165 53.62 10.17 2.48
C ALA A 165 53.30 9.34 1.25
N SER A 166 54.09 8.31 0.96
CA SER A 166 53.76 7.44 -0.17
C SER A 166 52.39 6.81 0.00
N PHE A 167 52.17 6.13 1.13
CA PHE A 167 50.86 5.57 1.43
C PHE A 167 49.78 6.64 1.34
N ALA A 168 50.11 7.87 1.71
CA ALA A 168 49.13 8.94 1.62
C ALA A 168 48.74 9.21 0.17
N ALA A 169 49.72 9.29 -0.71
CA ALA A 169 49.43 9.47 -2.13
C ALA A 169 48.60 8.31 -2.66
N ILE A 170 48.97 7.09 -2.28
CA ILE A 170 48.21 5.93 -2.75
C ILE A 170 46.76 6.03 -2.31
N THR A 171 46.54 6.32 -1.03
CA THR A 171 45.17 6.37 -0.51
C THR A 171 44.37 7.49 -1.16
N PHE A 172 45.00 8.64 -1.37
CA PHE A 172 44.25 9.77 -1.91
C PHE A 172 43.94 9.58 -3.39
N SER A 173 44.89 9.06 -4.16
CA SER A 173 44.60 8.73 -5.55
C SER A 173 43.54 7.65 -5.64
N THR A 174 43.57 6.69 -4.72
CA THR A 174 42.55 5.65 -4.69
C THR A 174 41.17 6.24 -4.42
N MET A 175 41.07 7.12 -3.43
CA MET A 175 39.80 7.78 -3.16
C MET A 175 39.33 8.58 -4.38
N LEU A 176 40.27 9.25 -5.06
CA LEU A 176 39.91 10.02 -6.25
C LEU A 176 39.31 9.12 -7.33
N LEU A 177 40.00 8.03 -7.64
CA LEU A 177 39.50 7.12 -8.69
C LEU A 177 38.18 6.49 -8.28
N TYR A 178 38.08 6.05 -7.02
CA TYR A 178 36.83 5.50 -6.50
C TYR A 178 35.68 6.48 -6.73
N SER A 179 35.89 7.74 -6.37
CA SER A 179 34.85 8.74 -6.53
C SER A 179 34.49 8.94 -7.99
N ILE A 180 35.51 9.11 -8.85
CA ILE A 180 35.24 9.34 -10.26
C ILE A 180 34.42 8.19 -10.84
N PHE A 181 34.83 6.96 -10.55
CA PHE A 181 34.15 5.79 -11.10
C PHE A 181 32.72 5.72 -10.59
N THR A 182 32.54 5.84 -9.27
CA THR A 182 31.20 5.75 -8.71
C THR A 182 30.29 6.82 -9.30
N ILE A 183 30.84 8.01 -9.54
CA ILE A 183 30.04 9.09 -10.12
C ILE A 183 29.62 8.74 -11.53
N LYS A 184 30.60 8.42 -12.39
CA LYS A 184 30.28 8.14 -13.79
C LYS A 184 29.40 6.91 -13.93
N THR A 185 29.34 6.04 -12.92
CA THR A 185 28.50 4.86 -13.00
C THR A 185 27.10 5.09 -12.44
N THR A 186 26.96 5.86 -11.36
CA THR A 186 25.64 6.20 -10.88
C THR A 186 24.90 7.06 -11.90
N ALA A 187 25.63 7.94 -12.59
CA ALA A 187 25.01 8.72 -13.66
C ALA A 187 24.41 7.83 -14.75
N TRP A 188 24.79 6.55 -14.80
CA TRP A 188 24.31 5.62 -15.81
C TRP A 188 23.34 4.60 -15.26
N ARG A 189 23.34 4.36 -13.95
CA ARG A 189 22.37 3.48 -13.32
C ARG A 189 21.08 4.19 -12.92
N THR A 190 21.13 5.50 -12.70
CA THR A 190 19.93 6.22 -12.31
C THR A 190 18.81 6.04 -13.34
N HIS A 191 19.16 5.86 -14.61
CA HIS A 191 18.14 5.69 -15.64
C HIS A 191 17.33 4.43 -15.39
N PHE A 192 18.01 3.31 -15.18
CA PHE A 192 17.31 2.05 -14.93
C PHE A 192 16.52 2.12 -13.64
N ARG A 193 17.08 2.76 -12.62
CA ARG A 193 16.34 2.90 -11.37
C ARG A 193 15.05 3.67 -11.58
N ARG A 194 15.12 4.78 -12.32
CA ARG A 194 13.92 5.57 -12.59
C ARG A 194 12.89 4.75 -13.36
N ASP A 195 13.33 4.02 -14.38
CA ASP A 195 12.40 3.22 -15.16
C ASP A 195 11.71 2.18 -14.28
N ALA A 196 12.47 1.52 -13.41
CA ALA A 196 11.88 0.51 -12.54
C ALA A 196 10.86 1.13 -11.60
N ASN A 197 11.17 2.29 -11.03
CA ASN A 197 10.23 2.94 -10.12
C ASN A 197 8.94 3.30 -10.86
N LYS A 198 9.07 3.91 -12.04
CA LYS A 198 7.89 4.24 -12.83
C LYS A 198 7.04 3.01 -13.10
N ALA A 199 7.68 1.92 -13.52
CA ALA A 199 6.92 0.74 -13.90
C ALA A 199 6.25 0.08 -12.69
N ASP A 200 6.93 0.07 -11.55
CA ASP A 200 6.31 -0.47 -10.34
C ASP A 200 5.09 0.34 -9.95
N ASN A 201 5.20 1.66 -9.98
CA ASN A 201 4.06 2.50 -9.65
C ASN A 201 2.91 2.26 -10.62
N LYS A 202 3.21 2.13 -11.91
CA LYS A 202 2.17 1.88 -12.90
C LYS A 202 1.48 0.56 -12.63
N ALA A 203 2.25 -0.50 -12.38
CA ALA A 203 1.67 -1.81 -12.13
C ALA A 203 0.78 -1.79 -10.90
N ALA A 204 1.23 -1.11 -9.84
CA ALA A 204 0.42 -1.05 -8.63
C ALA A 204 -0.85 -0.25 -8.87
N SER A 205 -0.75 0.85 -9.61
CA SER A 205 -1.96 1.60 -9.98
C SER A 205 -2.95 0.70 -10.68
N VAL A 206 -2.48 -0.13 -11.62
CA VAL A 206 -3.37 -1.00 -12.36
C VAL A 206 -4.02 -2.01 -11.41
N ALA A 207 -3.21 -2.70 -10.61
CA ALA A 207 -3.76 -3.68 -9.69
C ALA A 207 -4.82 -3.07 -8.79
N LEU A 208 -4.55 -1.87 -8.27
CA LEU A 208 -5.49 -1.23 -7.36
C LEU A 208 -6.77 -0.83 -8.09
N ASP A 209 -6.65 -0.07 -9.17
CA ASP A 209 -7.82 0.38 -9.90
C ASP A 209 -8.62 -0.80 -10.45
N SER A 210 -8.03 -1.98 -10.50
CA SER A 210 -8.75 -3.17 -10.93
C SER A 210 -9.45 -3.87 -9.78
N LEU A 211 -8.76 -4.04 -8.65
CA LEU A 211 -9.36 -4.70 -7.50
C LEU A 211 -10.50 -3.87 -6.94
N ILE A 212 -10.41 -2.55 -7.00
CA ILE A 212 -11.49 -1.70 -6.51
C ILE A 212 -12.77 -1.95 -7.30
N ASN A 213 -12.64 -2.06 -8.63
CA ASN A 213 -13.77 -2.26 -9.52
C ASN A 213 -13.90 -3.72 -9.94
N PHE A 214 -13.57 -4.64 -9.03
CA PHE A 214 -13.66 -6.07 -9.34
C PHE A 214 -15.01 -6.42 -9.92
N GLU A 215 -16.08 -5.85 -9.38
CA GLU A 215 -17.41 -6.08 -9.93
C GLU A 215 -17.46 -5.64 -11.39
N ALA A 216 -17.13 -4.38 -11.65
CA ALA A 216 -17.12 -3.85 -13.00
C ALA A 216 -16.05 -4.48 -13.87
N VAL A 217 -15.22 -5.34 -13.32
CA VAL A 217 -14.25 -6.10 -14.11
C VAL A 217 -14.86 -7.43 -14.55
N LYS A 218 -15.50 -8.14 -13.62
CA LYS A 218 -16.16 -9.38 -13.96
C LYS A 218 -17.44 -9.17 -14.73
N TYR A 219 -18.15 -8.07 -14.48
CA TYR A 219 -19.40 -7.81 -15.18
C TYR A 219 -19.20 -7.67 -16.67
N PHE A 220 -17.99 -7.36 -17.12
CA PHE A 220 -17.71 -7.12 -18.52
C PHE A 220 -16.62 -8.03 -19.08
N ASN A 221 -16.05 -8.92 -18.26
CA ASN A 221 -15.14 -9.96 -18.74
C ASN A 221 -13.86 -9.37 -19.29
N ASN A 222 -13.26 -8.45 -18.53
CA ASN A 222 -12.00 -7.82 -18.88
C ASN A 222 -10.92 -8.18 -17.86
N GLU A 223 -10.88 -9.44 -17.44
CA GLU A 223 -9.82 -9.90 -16.58
C GLU A 223 -8.50 -10.03 -17.35
N LYS A 224 -8.55 -10.60 -18.54
CA LYS A 224 -7.34 -10.84 -19.30
C LYS A 224 -6.70 -9.53 -19.77
N TYR A 225 -7.51 -8.56 -20.16
CA TYR A 225 -6.97 -7.26 -20.57
C TYR A 225 -6.14 -6.65 -19.44
N LEU A 226 -6.71 -6.58 -18.25
CA LEU A 226 -6.00 -5.99 -17.13
C LEU A 226 -4.83 -6.84 -16.69
N ALA A 227 -4.93 -8.16 -16.80
CA ALA A 227 -3.81 -9.01 -16.44
C ALA A 227 -2.65 -8.81 -17.41
N ASP A 228 -2.94 -8.61 -18.69
CA ASP A 228 -1.89 -8.36 -19.66
C ASP A 228 -1.27 -6.99 -19.46
N LYS A 229 -2.07 -6.00 -19.09
CA LYS A 229 -1.53 -4.69 -18.74
C LYS A 229 -0.58 -4.80 -17.55
N TYR A 230 -1.03 -5.46 -16.49
CA TYR A 230 -0.19 -5.70 -15.33
C TYR A 230 1.08 -6.44 -15.72
N ASN A 231 0.98 -7.41 -16.63
CA ASN A 231 2.14 -8.18 -17.03
C ASN A 231 3.11 -7.33 -17.82
N GLY A 232 2.61 -6.40 -18.63
CA GLY A 232 3.50 -5.51 -19.34
C GLY A 232 4.26 -4.60 -18.39
N SER A 233 3.56 -4.00 -17.44
CA SER A 233 4.23 -3.18 -16.44
C SER A 233 5.26 -4.02 -15.66
N LEU A 234 4.90 -5.25 -15.33
CA LEU A 234 5.80 -6.11 -14.57
C LEU A 234 7.01 -6.51 -15.39
N MET A 235 6.83 -6.72 -16.69
CA MET A 235 7.94 -7.11 -17.55
C MET A 235 8.86 -5.93 -17.84
N ASN A 236 8.37 -4.71 -17.74
CA ASN A 236 9.26 -3.55 -17.80
C ASN A 236 10.03 -3.41 -16.49
N TYR A 237 9.34 -3.56 -15.36
CA TYR A 237 10.00 -3.51 -14.06
C TYR A 237 11.06 -4.60 -13.94
N ARG A 238 10.77 -5.78 -14.50
CA ARG A 238 11.71 -6.89 -14.42
C ARG A 238 13.01 -6.58 -15.16
N ASP A 239 12.88 -6.14 -16.41
CA ASP A 239 14.08 -5.79 -17.18
C ASP A 239 14.85 -4.66 -16.53
N SER A 240 14.14 -3.65 -16.01
CA SER A 240 14.84 -2.52 -15.39
C SER A 240 15.57 -2.95 -14.13
N GLN A 241 14.93 -3.78 -13.30
CA GLN A 241 15.59 -4.24 -12.09
C GLN A 241 16.78 -5.13 -12.42
N ILE A 242 16.64 -5.98 -13.43
CA ILE A 242 17.76 -6.80 -13.88
C ILE A 242 18.93 -5.91 -14.29
N LYS A 243 18.65 -4.87 -15.07
CA LYS A 243 19.73 -4.02 -15.55
C LYS A 243 20.39 -3.25 -14.41
N VAL A 244 19.61 -2.78 -13.44
CA VAL A 244 20.22 -2.07 -12.33
C VAL A 244 21.03 -3.02 -11.47
N SER A 245 20.60 -4.28 -11.34
CA SER A 245 21.39 -5.23 -10.56
C SER A 245 22.69 -5.56 -11.25
N GLN A 246 22.65 -5.78 -12.57
CA GLN A 246 23.90 -5.99 -13.31
C GLN A 246 24.82 -4.79 -13.19
N SER A 247 24.27 -3.59 -13.31
CA SER A 247 25.09 -2.39 -13.23
C SER A 247 25.70 -2.23 -11.84
N LEU A 248 24.94 -2.58 -10.80
CA LEU A 248 25.46 -2.52 -9.45
C LEU A 248 26.56 -3.54 -9.24
N ALA A 249 26.43 -4.71 -9.86
CA ALA A 249 27.49 -5.71 -9.80
C ALA A 249 28.76 -5.17 -10.44
N PHE A 250 28.63 -4.56 -11.61
CA PHE A 250 29.78 -3.95 -12.27
C PHE A 250 30.40 -2.86 -11.40
N LEU A 251 29.56 -2.03 -10.80
CA LEU A 251 30.03 -0.98 -9.92
C LEU A 251 30.86 -1.54 -8.78
N ASN A 252 30.30 -2.50 -8.03
CA ASN A 252 30.99 -3.05 -6.88
C ASN A 252 32.27 -3.76 -7.31
N SER A 253 32.24 -4.47 -8.44
CA SER A 253 33.45 -5.14 -8.91
C SER A 253 34.55 -4.15 -9.20
N GLY A 254 34.22 -3.05 -9.90
CA GLY A 254 35.24 -2.06 -10.19
C GLY A 254 35.74 -1.35 -8.94
N GLN A 255 34.83 -1.04 -8.02
CA GLN A 255 35.23 -0.43 -6.76
C GLN A 255 36.22 -1.31 -6.02
N ASN A 256 35.92 -2.60 -5.90
CA ASN A 256 36.80 -3.49 -5.17
C ASN A 256 38.08 -3.74 -5.95
N LEU A 257 38.05 -3.62 -7.28
CA LEU A 257 39.29 -3.73 -8.04
C LEU A 257 40.22 -2.57 -7.73
N ILE A 258 39.68 -1.35 -7.72
CA ILE A 258 40.49 -0.20 -7.34
C ILE A 258 41.04 -0.38 -5.94
N PHE A 259 40.16 -0.75 -5.00
CA PHE A 259 40.58 -0.90 -3.61
C PHE A 259 41.62 -1.99 -3.46
N THR A 260 41.51 -3.07 -4.21
CA THR A 260 42.46 -4.17 -4.12
C THR A 260 43.80 -3.81 -4.73
N THR A 261 43.78 -3.03 -5.81
CA THR A 261 45.03 -2.49 -6.34
C THR A 261 45.72 -1.62 -5.29
N ALA A 262 44.95 -0.78 -4.61
CA ALA A 262 45.51 0.02 -3.52
C ALA A 262 46.09 -0.88 -2.44
N LEU A 263 45.37 -1.93 -2.07
CA LEU A 263 45.81 -2.82 -1.01
C LEU A 263 47.11 -3.51 -1.37
N THR A 264 47.22 -4.02 -2.60
CA THR A 264 48.45 -4.68 -3.01
C THR A 264 49.60 -3.70 -3.16
N ALA A 265 49.33 -2.48 -3.61
CA ALA A 265 50.38 -1.47 -3.65
C ALA A 265 50.87 -1.14 -2.25
N MET A 266 49.95 -1.12 -1.28
CA MET A 266 50.35 -0.89 0.10
C MET A 266 51.19 -2.04 0.62
N MET A 267 50.81 -3.27 0.30
CA MET A 267 51.61 -4.42 0.71
C MET A 267 53.00 -4.35 0.10
N TYR A 268 53.11 -3.95 -1.16
CA TYR A 268 54.41 -3.88 -1.81
C TYR A 268 55.27 -2.77 -1.21
N MET A 269 54.67 -1.62 -0.95
CA MET A 269 55.42 -0.52 -0.33
C MET A 269 55.90 -0.91 1.05
N GLY A 270 55.01 -1.52 1.86
CA GLY A 270 55.42 -1.98 3.17
C GLY A 270 56.49 -3.06 3.10
N CYS A 271 56.45 -3.90 2.08
CA CYS A 271 57.44 -4.97 1.96
C CYS A 271 58.80 -4.41 1.56
N THR A 272 58.83 -3.49 0.60
CA THR A 272 60.09 -2.84 0.26
C THR A 272 60.57 -1.89 1.34
N GLY A 273 59.71 -1.55 2.30
CA GLY A 273 60.14 -0.80 3.46
C GLY A 273 60.77 -1.72 4.49
N VAL A 274 60.12 -2.85 4.75
CA VAL A 274 60.73 -3.89 5.59
C VAL A 274 62.09 -4.26 5.03
N ILE A 275 62.20 -4.33 3.71
CA ILE A 275 63.50 -4.54 3.07
C ILE A 275 64.50 -3.52 3.56
N GLY A 276 64.11 -2.25 3.59
CA GLY A 276 64.96 -1.18 4.05
C GLY A 276 65.20 -1.13 5.55
N GLY A 277 64.85 -2.19 6.27
CA GLY A 277 65.04 -2.23 7.70
C GLY A 277 64.27 -1.20 8.48
N ASN A 278 63.26 -0.57 7.87
CA ASN A 278 62.48 0.46 8.54
C ASN A 278 61.26 -0.14 9.24
N LEU A 279 60.41 -0.83 8.50
CA LEU A 279 59.19 -1.40 9.04
C LEU A 279 59.45 -2.84 9.48
N THR A 280 58.38 -3.52 9.87
CA THR A 280 58.46 -4.90 10.32
C THR A 280 57.19 -5.63 9.90
N VAL A 281 57.25 -6.96 9.92
CA VAL A 281 56.10 -7.76 9.53
C VAL A 281 54.85 -7.29 10.26
N GLY A 282 55.01 -6.85 11.51
CA GLY A 282 53.90 -6.26 12.22
C GLY A 282 53.29 -5.10 11.46
N ASP A 283 54.12 -4.31 10.78
CA ASP A 283 53.60 -3.17 10.04
C ASP A 283 52.76 -3.61 8.85
N LEU A 284 53.21 -4.64 8.14
CA LEU A 284 52.42 -5.17 7.04
C LEU A 284 51.09 -5.71 7.55
N VAL A 285 51.12 -6.47 8.64
CA VAL A 285 49.89 -6.98 9.24
C VAL A 285 48.96 -5.82 9.56
N LEU A 286 49.50 -4.78 10.20
CA LEU A 286 48.69 -3.65 10.61
C LEU A 286 48.04 -2.97 9.41
N ILE A 287 48.86 -2.61 8.41
CA ILE A 287 48.35 -1.93 7.24
C ILE A 287 47.25 -2.76 6.58
N ASN A 288 47.56 -4.02 6.27
CA ASN A 288 46.62 -4.85 5.54
C ASN A 288 45.34 -5.06 6.33
N GLN A 289 45.44 -5.22 7.65
CA GLN A 289 44.24 -5.48 8.45
C GLN A 289 43.39 -4.23 8.56
N LEU A 290 44.02 -3.08 8.81
CA LEU A 290 43.30 -1.81 8.77
C LEU A 290 42.48 -1.71 7.49
N VAL A 291 43.18 -1.82 6.35
CA VAL A 291 42.52 -1.60 5.08
C VAL A 291 41.47 -2.68 4.79
N PHE A 292 41.70 -3.91 5.23
CA PHE A 292 40.76 -4.99 4.93
C PHE A 292 39.48 -4.86 5.75
N GLN A 293 39.60 -4.56 7.04
CA GLN A 293 38.43 -4.36 7.88
C GLN A 293 37.78 -3.01 7.64
N LEU A 294 38.44 -2.14 6.90
CA LEU A 294 37.76 -0.96 6.36
C LEU A 294 37.09 -1.27 5.03
N SER A 295 37.57 -2.28 4.31
CA SER A 295 37.06 -2.57 2.97
C SER A 295 35.79 -3.40 3.03
N VAL A 296 35.88 -4.61 3.59
CA VAL A 296 34.76 -5.54 3.49
C VAL A 296 33.48 -4.94 4.05
N PRO A 297 33.49 -4.11 5.09
CA PRO A 297 32.26 -3.41 5.45
C PRO A 297 31.76 -2.52 4.33
N LEU A 298 32.67 -1.77 3.70
CA LEU A 298 32.29 -0.88 2.61
C LEU A 298 31.63 -1.65 1.48
N ASN A 299 32.29 -2.71 1.00
CA ASN A 299 31.74 -3.49 -0.10
C ASN A 299 30.39 -4.10 0.28
N PHE A 300 30.27 -4.62 1.51
CA PHE A 300 29.04 -5.31 1.86
C PHE A 300 27.89 -4.35 2.07
N LEU A 301 28.15 -3.18 2.67
CA LEU A 301 27.11 -2.18 2.84
C LEU A 301 26.76 -1.51 1.51
N GLY A 302 27.66 -1.55 0.53
CA GLY A 302 27.34 -1.02 -0.77
C GLY A 302 26.49 -1.98 -1.57
N SER A 303 26.78 -3.27 -1.47
CA SER A 303 25.99 -4.27 -2.17
C SER A 303 24.69 -4.60 -1.45
N VAL A 304 24.58 -4.23 -0.18
CA VAL A 304 23.35 -4.47 0.58
C VAL A 304 22.42 -3.28 0.51
N TYR A 305 22.94 -2.06 0.65
CA TYR A 305 22.13 -0.86 0.50
C TYR A 305 21.98 -0.53 -0.97
N ARG A 306 21.52 -1.51 -1.75
CA ARG A 306 21.22 -1.30 -3.16
C ARG A 306 19.99 -0.43 -3.36
N ASP A 307 19.20 -0.23 -2.31
CA ASP A 307 17.96 0.54 -2.36
C ASP A 307 18.05 1.62 -1.30
N LEU A 308 18.74 2.71 -1.63
CA LEU A 308 18.81 3.86 -0.73
C LEU A 308 18.38 5.15 -1.40
N LYS A 309 18.67 5.32 -2.69
CA LYS A 309 18.18 6.51 -3.38
C LYS A 309 16.67 6.44 -3.56
N GLN A 310 16.15 5.26 -3.87
CA GLN A 310 14.71 5.07 -3.92
C GLN A 310 14.07 5.43 -2.57
N SER A 311 14.77 5.13 -1.48
CA SER A 311 14.27 5.51 -0.17
C SER A 311 14.21 7.02 -0.02
N LEU A 312 15.22 7.73 -0.53
CA LEU A 312 15.17 9.19 -0.51
C LEU A 312 14.01 9.70 -1.33
N ILE A 313 13.75 9.09 -2.48
CA ILE A 313 12.62 9.53 -3.31
C ILE A 313 11.31 9.34 -2.56
N ASP A 314 11.15 8.19 -1.89
CA ASP A 314 9.94 7.93 -1.13
C ASP A 314 9.78 8.94 0.00
N MET A 315 10.85 9.16 0.76
CA MET A 315 10.80 10.11 1.86
C MET A 315 10.48 11.51 1.37
N GLU A 316 10.97 11.88 0.19
CA GLU A 316 10.70 13.20 -0.35
C GLU A 316 9.28 13.33 -0.83
N THR A 317 8.71 12.27 -1.41
CA THR A 317 7.29 12.30 -1.75
C THR A 317 6.45 12.46 -0.49
N LEU A 318 6.84 11.79 0.60
CA LEU A 318 6.12 11.94 1.86
C LEU A 318 6.19 13.38 2.36
N PHE A 319 7.38 13.96 2.37
CA PHE A 319 7.51 15.33 2.84
C PHE A 319 6.77 16.30 1.92
N LYS A 320 6.68 15.99 0.63
CA LYS A 320 5.91 16.83 -0.27
C LYS A 320 4.43 16.77 0.08
N LEU A 321 3.91 15.58 0.33
CA LEU A 321 2.57 15.47 0.90
C LEU A 321 2.44 16.38 2.11
N ARG A 322 3.46 16.38 2.96
CA ARG A 322 3.41 17.15 4.20
C ARG A 322 3.57 18.65 3.96
N LYS A 323 3.97 19.07 2.75
CA LYS A 323 4.21 20.47 2.47
C LYS A 323 3.43 20.96 1.25
N ASN A 324 2.24 20.41 1.02
CA ASN A 324 1.37 20.92 -0.02
C ASN A 324 0.70 22.19 0.46
N GLU A 325 -0.24 22.70 -0.32
CA GLU A 325 -0.91 23.97 -0.04
C GLU A 325 -2.34 23.70 0.44
N VAL A 326 -2.76 24.48 1.42
CA VAL A 326 -4.10 24.38 1.99
C VAL A 326 -4.89 25.57 1.46
N LYS A 327 -5.76 25.33 0.48
CA LYS A 327 -6.53 26.42 -0.09
C LYS A 327 -7.62 26.89 0.86
N ILE A 328 -8.15 26.00 1.69
CA ILE A 328 -9.23 26.31 2.61
C ILE A 328 -8.64 26.39 4.01
N LYS A 329 -8.57 27.60 4.55
CA LYS A 329 -8.01 27.82 5.87
C LYS A 329 -8.73 28.99 6.52
N ASN A 330 -8.73 28.99 7.85
CA ASN A 330 -9.37 30.06 8.59
C ASN A 330 -8.72 31.40 8.27
N ALA A 331 -9.45 32.47 8.54
CA ALA A 331 -8.93 33.81 8.39
C ALA A 331 -8.01 34.12 9.56
N GLU A 332 -7.57 35.37 9.68
CA GLU A 332 -6.68 35.74 10.77
C GLU A 332 -7.45 35.93 12.07
N ARG A 333 -8.62 36.58 12.00
CA ARG A 333 -9.49 36.80 13.16
C ARG A 333 -10.81 36.09 12.88
N PRO A 334 -10.86 34.77 13.05
CA PRO A 334 -12.09 34.02 12.74
C PRO A 334 -13.15 34.23 13.81
N LEU A 335 -14.36 34.55 13.38
CA LEU A 335 -15.49 34.69 14.28
C LEU A 335 -16.02 33.31 14.64
N MET A 336 -17.15 33.26 15.33
CA MET A 336 -17.85 32.03 15.63
C MET A 336 -19.34 32.27 15.46
N LEU A 337 -20.04 31.22 15.04
CA LEU A 337 -21.43 31.37 14.67
C LEU A 337 -22.27 31.77 15.88
N PRO A 338 -23.43 32.41 15.64
CA PRO A 338 -24.33 32.76 16.75
C PRO A 338 -24.64 31.57 17.64
N GLU A 339 -25.33 31.83 18.75
CA GLU A 339 -25.55 30.77 19.74
C GLU A 339 -26.84 29.99 19.47
N ASN A 340 -27.98 30.67 19.58
CA ASN A 340 -29.30 30.04 19.42
C ASN A 340 -30.14 30.86 18.44
N VAL A 341 -29.99 30.57 17.15
CA VAL A 341 -30.78 31.23 16.11
C VAL A 341 -30.85 30.31 14.89
N PRO A 342 -31.89 30.38 14.08
CA PRO A 342 -31.89 29.63 12.82
C PRO A 342 -31.02 30.32 11.79
N TYR A 343 -30.31 29.52 11.00
CA TYR A 343 -29.34 30.06 10.07
C TYR A 343 -29.95 30.24 8.68
N ASP A 344 -29.36 31.18 7.93
CA ASP A 344 -29.89 31.63 6.66
C ASP A 344 -28.73 31.78 5.67
N ILE A 345 -28.67 30.89 4.70
CA ILE A 345 -27.60 30.94 3.71
C ILE A 345 -28.04 31.83 2.57
N THR A 346 -27.07 32.47 1.92
CA THR A 346 -27.36 33.42 0.85
C THR A 346 -26.20 33.43 -0.13
N PHE A 347 -26.47 33.02 -1.37
CA PHE A 347 -25.49 33.09 -2.44
C PHE A 347 -25.65 34.43 -3.14
N GLU A 348 -24.56 35.20 -3.21
CA GLU A 348 -24.57 36.54 -3.81
C GLU A 348 -23.59 36.55 -4.97
N ASN A 349 -24.13 36.56 -6.19
CA ASN A 349 -23.36 36.66 -7.42
C ASN A 349 -22.12 35.75 -7.37
N VAL A 350 -22.37 34.49 -7.16
CA VAL A 350 -21.31 33.50 -7.06
C VAL A 350 -21.01 32.94 -8.45
N THR A 351 -19.79 32.46 -8.62
CA THR A 351 -19.31 31.95 -9.90
C THR A 351 -18.18 30.98 -9.60
N PHE A 352 -18.36 29.71 -9.92
CA PHE A 352 -17.46 28.67 -9.46
C PHE A 352 -17.23 27.64 -10.55
N GLY A 353 -16.02 27.10 -10.55
CA GLY A 353 -15.64 26.03 -11.44
C GLY A 353 -14.60 25.14 -10.81
N TYR A 354 -14.85 23.82 -10.79
CA TYR A 354 -13.89 22.92 -10.16
C TYR A 354 -12.53 23.01 -10.82
N HIS A 355 -12.49 23.40 -12.09
CA HIS A 355 -11.27 23.67 -12.81
C HIS A 355 -11.39 25.00 -13.54
N PRO A 356 -10.28 25.68 -13.81
CA PRO A 356 -10.37 27.04 -14.35
C PRO A 356 -10.96 27.11 -15.75
N ASP A 357 -11.14 25.99 -16.42
CA ASP A 357 -11.58 25.99 -17.81
C ASP A 357 -13.08 25.84 -17.97
N ARG A 358 -13.82 25.59 -16.90
CA ARG A 358 -15.26 25.42 -16.97
C ARG A 358 -15.91 26.09 -15.75
N LYS A 359 -17.09 26.65 -15.96
CA LYS A 359 -17.84 27.34 -14.92
C LYS A 359 -19.15 26.59 -14.70
N ILE A 360 -19.26 25.90 -13.56
CA ILE A 360 -20.47 25.17 -13.25
C ILE A 360 -21.58 26.11 -12.78
N LEU A 361 -21.22 27.20 -12.11
CA LEU A 361 -22.17 28.20 -11.64
C LEU A 361 -21.85 29.52 -12.32
N LYS A 362 -22.81 30.06 -13.05
CA LYS A 362 -22.64 31.30 -13.81
C LYS A 362 -23.50 32.37 -13.15
N ASN A 363 -22.92 33.06 -12.17
CA ASN A 363 -23.58 34.18 -11.50
C ASN A 363 -24.88 33.73 -10.84
N ALA A 364 -24.75 32.79 -9.91
CA ALA A 364 -25.87 32.29 -9.14
C ALA A 364 -26.11 33.18 -7.92
N SER A 365 -27.38 33.46 -7.66
CA SER A 365 -27.76 34.31 -6.53
C SER A 365 -29.11 33.84 -6.01
N PHE A 366 -29.17 33.48 -4.74
CA PHE A 366 -30.42 33.04 -4.15
C PHE A 366 -30.28 33.05 -2.63
N THR A 367 -31.35 32.64 -1.95
CA THR A 367 -31.45 32.76 -0.50
C THR A 367 -32.11 31.51 0.06
N ILE A 368 -31.33 30.70 0.77
CA ILE A 368 -31.87 29.58 1.54
C ILE A 368 -32.28 30.12 2.91
N PRO A 369 -33.58 30.30 3.18
CA PRO A 369 -33.98 31.00 4.40
C PRO A 369 -33.83 30.16 5.65
N ALA A 370 -34.25 30.70 6.78
CA ALA A 370 -34.04 30.08 8.08
C ALA A 370 -35.36 29.49 8.60
N GLY A 371 -35.27 28.29 9.15
CA GLY A 371 -36.43 27.62 9.69
C GLY A 371 -37.35 27.01 8.67
N TRP A 372 -37.04 27.15 7.38
CA TRP A 372 -37.87 26.64 6.30
C TRP A 372 -37.22 25.41 5.68
N LYS A 373 -38.01 24.73 4.84
CA LYS A 373 -37.56 23.55 4.11
C LYS A 373 -37.54 23.89 2.63
N THR A 374 -36.37 24.24 2.11
CA THR A 374 -36.22 24.50 0.69
C THR A 374 -35.79 23.24 -0.03
N ALA A 375 -36.00 23.23 -1.34
CA ALA A 375 -35.73 22.05 -2.16
C ALA A 375 -35.13 22.49 -3.47
N ILE A 376 -33.93 22.01 -3.77
CA ILE A 376 -33.22 22.35 -4.99
C ILE A 376 -33.49 21.27 -6.03
N VAL A 377 -33.76 21.71 -7.26
CA VAL A 377 -34.04 20.80 -8.37
C VAL A 377 -33.42 21.37 -9.64
N GLY A 378 -33.36 20.53 -10.66
CA GLY A 378 -32.81 20.91 -11.94
C GLY A 378 -32.24 19.71 -12.66
N SER A 379 -31.81 19.95 -13.89
CA SER A 379 -31.22 18.89 -14.68
C SER A 379 -29.97 18.34 -14.00
N SER A 380 -29.51 17.20 -14.49
CA SER A 380 -28.26 16.63 -14.00
C SER A 380 -27.08 17.42 -14.54
N GLY A 381 -25.97 17.37 -13.81
CA GLY A 381 -24.83 18.17 -14.16
C GLY A 381 -25.10 19.66 -14.10
N SER A 382 -26.06 20.08 -13.28
CA SER A 382 -26.52 21.46 -13.24
C SER A 382 -25.97 22.25 -12.06
N GLY A 383 -25.27 21.61 -11.15
CA GLY A 383 -24.66 22.33 -10.04
C GLY A 383 -25.50 22.41 -8.79
N LYS A 384 -25.96 21.25 -8.31
CA LYS A 384 -26.70 21.17 -7.05
C LYS A 384 -25.80 20.75 -5.91
N SER A 385 -25.15 19.60 -6.02
CA SER A 385 -24.18 19.19 -5.02
C SER A 385 -22.99 20.14 -4.95
N THR A 386 -22.75 20.90 -6.01
CA THR A 386 -21.71 21.92 -5.97
C THR A 386 -22.03 22.97 -4.92
N ILE A 387 -23.28 23.43 -4.89
CA ILE A 387 -23.73 24.32 -3.82
C ILE A 387 -23.49 23.67 -2.47
N LEU A 388 -23.86 22.41 -2.35
CA LEU A 388 -23.78 21.69 -1.09
C LEU A 388 -22.34 21.57 -0.61
N LYS A 389 -21.38 21.58 -1.53
CA LYS A 389 -19.97 21.52 -1.17
C LYS A 389 -19.35 22.91 -1.05
N LEU A 390 -20.03 23.95 -1.55
CA LEU A 390 -19.59 25.31 -1.30
C LEU A 390 -19.96 25.76 0.09
N VAL A 391 -21.22 25.58 0.47
CA VAL A 391 -21.65 26.02 1.80
C VAL A 391 -20.81 25.36 2.88
N PHE A 392 -20.59 24.05 2.76
CA PHE A 392 -19.71 23.31 3.64
C PHE A 392 -18.26 23.73 3.50
N ARG A 393 -17.95 24.59 2.52
CA ARG A 393 -16.62 25.17 2.36
C ARG A 393 -15.57 24.10 2.11
N PHE A 394 -15.84 23.25 1.12
CA PHE A 394 -14.80 22.39 0.57
C PHE A 394 -14.00 23.13 -0.49
N TYR A 395 -14.70 23.85 -1.37
CA TYR A 395 -14.10 24.77 -2.31
C TYR A 395 -14.59 26.17 -2.01
N ASP A 396 -13.88 27.16 -2.54
CA ASP A 396 -14.29 28.54 -2.41
C ASP A 396 -14.45 29.16 -3.79
N PRO A 397 -15.49 29.95 -4.00
CA PRO A 397 -15.74 30.48 -5.34
C PRO A 397 -14.66 31.47 -5.77
N GLU A 398 -14.60 31.66 -7.08
CA GLU A 398 -13.67 32.61 -7.68
C GLU A 398 -14.23 34.03 -7.71
N SER A 399 -15.54 34.18 -7.59
CA SER A 399 -16.16 35.50 -7.60
C SER A 399 -17.55 35.39 -7.00
N GLY A 400 -17.80 36.17 -5.97
CA GLY A 400 -19.08 36.17 -5.28
C GLY A 400 -18.92 35.80 -3.81
N ARG A 401 -20.05 35.80 -3.12
CA ARG A 401 -20.05 35.64 -1.67
C ARG A 401 -21.08 34.59 -1.26
N ILE A 402 -20.78 33.93 -0.14
CA ILE A 402 -21.70 33.02 0.52
C ILE A 402 -21.87 33.51 1.95
N LEU A 403 -23.07 33.99 2.26
CA LEU A 403 -23.36 34.62 3.53
C LEU A 403 -24.16 33.69 4.42
N ILE A 404 -23.87 33.72 5.71
CA ILE A 404 -24.66 33.05 6.74
C ILE A 404 -24.98 34.09 7.80
N ASN A 405 -26.27 34.45 7.92
CA ASN A 405 -26.70 35.48 8.85
C ASN A 405 -26.06 36.83 8.53
N GLY A 406 -25.68 37.03 7.27
CA GLY A 406 -25.12 38.29 6.83
C GLY A 406 -23.62 38.38 6.86
N ARG A 407 -22.91 37.31 7.21
CA ARG A 407 -21.46 37.31 7.28
C ARG A 407 -20.90 36.24 6.35
N ASP A 408 -19.92 36.64 5.54
CA ASP A 408 -19.28 35.68 4.64
C ASP A 408 -18.69 34.53 5.44
N ILE A 409 -18.79 33.32 4.88
CA ILE A 409 -18.37 32.12 5.58
C ILE A 409 -16.86 32.04 5.65
N LYS A 410 -16.18 33.01 5.04
CA LYS A 410 -14.74 33.10 5.19
C LYS A 410 -14.35 33.79 6.49
N GLU A 411 -15.26 34.56 7.09
CA GLU A 411 -15.05 35.18 8.38
C GLU A 411 -15.45 34.27 9.54
N TYR A 412 -15.49 32.97 9.33
CA TYR A 412 -15.91 32.02 10.34
C TYR A 412 -14.90 30.88 10.43
N ASP A 413 -14.81 30.28 11.61
CA ASP A 413 -13.96 29.11 11.80
C ASP A 413 -14.56 27.94 11.04
N ILE A 414 -13.80 27.39 10.08
CA ILE A 414 -14.33 26.31 9.27
C ILE A 414 -14.83 25.17 10.15
N ASP A 415 -14.14 24.91 11.25
CA ASP A 415 -14.52 23.81 12.13
C ASP A 415 -15.74 24.14 12.98
N ALA A 416 -16.09 25.41 13.10
CA ALA A 416 -17.34 25.81 13.74
C ALA A 416 -18.49 25.87 12.75
N LEU A 417 -18.20 26.09 11.48
CA LEU A 417 -19.22 26.09 10.44
C LEU A 417 -19.61 24.67 10.08
N ARG A 418 -18.63 23.79 9.95
CA ARG A 418 -18.83 22.39 9.63
C ARG A 418 -19.39 21.61 10.80
N LYS A 419 -19.77 22.25 11.91
CA LYS A 419 -20.35 21.55 13.05
C LYS A 419 -21.82 21.87 13.23
N VAL A 420 -22.36 22.84 12.51
CA VAL A 420 -23.78 23.12 12.49
C VAL A 420 -24.43 22.65 11.20
N ILE A 421 -23.66 22.08 10.29
CA ILE A 421 -24.15 21.64 8.98
C ILE A 421 -24.01 20.13 8.91
N GLY A 422 -25.12 19.45 8.66
CA GLY A 422 -25.14 18.02 8.55
C GLY A 422 -25.61 17.56 7.19
N VAL A 423 -24.81 16.73 6.53
CA VAL A 423 -25.02 16.37 5.14
C VAL A 423 -25.32 14.89 5.03
N VAL A 424 -26.25 14.56 4.14
CA VAL A 424 -26.48 13.19 3.69
C VAL A 424 -26.05 13.14 2.24
N PRO A 425 -24.82 12.74 1.93
CA PRO A 425 -24.30 12.93 0.58
C PRO A 425 -24.91 11.96 -0.43
N GLN A 426 -24.57 12.19 -1.69
CA GLN A 426 -25.00 11.31 -2.76
C GLN A 426 -24.38 9.93 -2.62
N ASP A 427 -23.05 9.87 -2.59
CA ASP A 427 -22.34 8.63 -2.36
C ASP A 427 -22.01 8.51 -0.87
N THR A 428 -22.38 7.38 -0.29
CA THR A 428 -22.27 7.15 1.15
C THR A 428 -21.34 5.98 1.41
N PRO A 429 -20.03 6.18 1.27
CA PRO A 429 -19.07 5.13 1.62
C PRO A 429 -18.89 5.05 3.14
N LEU A 430 -19.28 3.92 3.70
CA LEU A 430 -19.18 3.70 5.14
C LEU A 430 -17.79 3.15 5.48
N PHE A 431 -17.65 2.68 6.71
CA PHE A 431 -16.42 2.06 7.19
C PHE A 431 -16.56 0.56 7.14
N ASN A 432 -15.48 -0.14 7.48
CA ASN A 432 -15.46 -1.60 7.48
C ASN A 432 -15.65 -2.16 8.88
N ASP A 433 -16.49 -1.52 9.69
CA ASP A 433 -16.73 -1.99 11.05
C ASP A 433 -18.22 -2.00 11.31
N THR A 434 -18.63 -2.27 12.55
CA THR A 434 -20.02 -2.56 12.83
C THR A 434 -20.92 -1.40 12.44
N ILE A 435 -22.21 -1.70 12.37
CA ILE A 435 -23.22 -0.66 12.20
C ILE A 435 -23.20 0.30 13.38
N TRP A 436 -22.76 -0.19 14.55
CA TRP A 436 -22.79 0.64 15.74
C TRP A 436 -21.87 1.84 15.59
N GLU A 437 -20.60 1.60 15.30
CA GLU A 437 -19.65 2.72 15.21
C GLU A 437 -19.82 3.51 13.94
N ASN A 438 -20.66 3.07 13.00
CA ASN A 438 -20.96 3.86 11.82
C ASN A 438 -22.18 4.73 12.02
N VAL A 439 -23.10 4.33 12.90
CA VAL A 439 -24.16 5.23 13.33
C VAL A 439 -23.68 6.18 14.42
N LYS A 440 -22.65 5.78 15.17
CA LYS A 440 -22.06 6.60 16.22
C LYS A 440 -20.89 7.43 15.73
N PHE A 441 -20.83 7.68 14.43
CA PHE A 441 -19.78 8.53 13.87
C PHE A 441 -20.22 9.98 13.79
N GLY A 442 -21.51 10.26 13.91
CA GLY A 442 -21.99 11.63 13.98
C GLY A 442 -21.58 12.30 15.27
N ARG A 443 -22.08 11.78 16.38
CA ARG A 443 -21.73 12.26 17.72
C ARG A 443 -21.04 11.11 18.45
N ILE A 444 -19.71 11.13 18.42
CA ILE A 444 -18.94 10.15 19.18
C ILE A 444 -19.33 10.21 20.65
N ASP A 445 -19.53 11.42 21.17
CA ASP A 445 -19.86 11.63 22.57
C ASP A 445 -21.37 11.52 22.78
N ALA A 446 -21.91 10.37 22.37
CA ALA A 446 -23.34 10.11 22.42
C ALA A 446 -23.63 8.90 23.29
N THR A 447 -24.70 9.00 24.08
CA THR A 447 -25.15 7.86 24.87
C THR A 447 -25.86 6.87 23.97
N ASP A 448 -25.66 5.58 24.24
CA ASP A 448 -26.12 4.54 23.33
C ASP A 448 -27.62 4.62 23.09
N GLU A 449 -28.37 5.14 24.06
CA GLU A 449 -29.81 5.25 23.90
C GLU A 449 -30.16 6.16 22.73
N GLU A 450 -29.39 7.21 22.51
CA GLU A 450 -29.63 8.09 21.37
C GLU A 450 -29.37 7.38 20.06
N VAL A 451 -28.26 6.63 19.98
CA VAL A 451 -28.01 5.81 18.81
C VAL A 451 -29.22 4.91 18.53
N ILE A 452 -29.73 4.26 19.57
CA ILE A 452 -30.83 3.33 19.39
C ILE A 452 -32.07 4.06 18.89
N THR A 453 -32.36 5.23 19.46
CA THR A 453 -33.62 5.89 19.10
C THR A 453 -33.55 6.47 17.70
N VAL A 454 -32.39 6.97 17.27
CA VAL A 454 -32.27 7.46 15.90
C VAL A 454 -32.31 6.31 14.92
N VAL A 455 -31.70 5.17 15.28
CA VAL A 455 -31.83 3.98 14.46
C VAL A 455 -33.29 3.61 14.30
N GLU A 456 -34.06 3.67 15.38
CA GLU A 456 -35.49 3.38 15.30
C GLU A 456 -36.23 4.41 14.46
N LYS A 457 -35.73 5.65 14.42
CA LYS A 457 -36.37 6.68 13.62
C LYS A 457 -35.95 6.63 12.16
N ALA A 458 -34.77 6.10 11.87
CA ALA A 458 -34.32 5.93 10.49
C ALA A 458 -34.86 4.65 9.86
N GLN A 459 -35.84 4.01 10.48
CA GLN A 459 -36.44 2.78 9.95
C GLN A 459 -35.38 1.71 9.72
N LEU A 460 -34.64 1.40 10.78
CA LEU A 460 -33.60 0.40 10.73
C LEU A 460 -33.77 -0.70 11.77
N ALA A 461 -34.80 -0.63 12.62
CA ALA A 461 -34.98 -1.61 13.67
C ALA A 461 -35.31 -2.98 13.08
N PRO A 462 -36.17 -3.06 12.07
CA PRO A 462 -36.42 -4.38 11.47
C PRO A 462 -35.17 -5.07 10.99
N LEU A 463 -34.32 -4.38 10.23
CA LEU A 463 -33.07 -4.96 9.80
C LEU A 463 -32.23 -5.42 10.98
N ILE A 464 -32.20 -4.62 12.04
CA ILE A 464 -31.38 -4.95 13.20
C ILE A 464 -31.91 -6.19 13.90
N LYS A 465 -33.22 -6.43 13.80
CA LYS A 465 -33.78 -7.64 14.39
C LYS A 465 -33.54 -8.85 13.51
N LYS A 466 -33.60 -8.67 12.19
CA LYS A 466 -33.39 -9.79 11.28
C LYS A 466 -31.96 -10.30 11.35
N LEU A 467 -30.98 -9.41 11.27
CA LEU A 467 -29.60 -9.82 11.32
C LEU A 467 -29.32 -10.52 12.65
N PRO A 468 -28.55 -11.61 12.65
CA PRO A 468 -28.30 -12.33 13.91
C PRO A 468 -27.25 -11.68 14.78
N GLN A 469 -26.39 -10.82 14.22
CA GLN A 469 -25.38 -10.09 14.97
C GLN A 469 -25.73 -8.61 15.05
N GLY A 470 -27.02 -8.32 15.24
CA GLY A 470 -27.51 -6.95 15.27
C GLY A 470 -26.60 -5.99 16.00
N PHE A 471 -26.35 -4.83 15.38
CA PHE A 471 -25.49 -3.78 15.89
C PHE A 471 -24.02 -4.20 15.92
N ASP A 472 -23.69 -5.37 15.38
CA ASP A 472 -22.32 -5.82 15.26
C ASP A 472 -22.00 -6.32 13.85
N THR A 473 -22.95 -6.30 12.94
CA THR A 473 -22.73 -6.78 11.60
C THR A 473 -21.72 -5.93 10.86
N ILE A 474 -20.59 -6.53 10.49
CA ILE A 474 -19.60 -5.85 9.67
C ILE A 474 -20.22 -5.53 8.32
N VAL A 475 -19.94 -4.34 7.82
CA VAL A 475 -20.51 -3.86 6.56
C VAL A 475 -19.45 -3.78 5.46
N GLY A 476 -18.38 -4.54 5.59
CA GLY A 476 -17.42 -4.73 4.51
C GLY A 476 -16.84 -3.46 3.93
N GLU A 477 -16.25 -3.60 2.74
CA GLU A 477 -15.56 -2.50 2.09
C GLU A 477 -16.55 -1.40 1.73
N ARG A 478 -16.40 -0.24 2.36
CA ARG A 478 -17.23 0.92 2.12
C ARG A 478 -18.71 0.56 1.96
N GLY A 479 -19.20 -0.36 2.79
CA GLY A 479 -20.62 -0.57 2.91
C GLY A 479 -21.22 -1.51 1.90
N LEU A 480 -20.41 -2.29 1.20
CA LEU A 480 -20.92 -3.16 0.15
C LEU A 480 -21.56 -4.43 0.69
N MET A 481 -21.39 -4.73 1.97
CA MET A 481 -21.97 -5.93 2.57
C MET A 481 -23.38 -5.67 3.11
N ILE A 482 -24.04 -4.60 2.67
CA ILE A 482 -25.43 -4.36 2.95
C ILE A 482 -26.07 -3.68 1.74
N SER A 483 -27.35 -3.40 1.85
CA SER A 483 -28.11 -2.85 0.74
C SER A 483 -27.67 -1.44 0.43
N GLY A 484 -28.33 -0.83 -0.55
CA GLY A 484 -28.08 0.56 -0.88
C GLY A 484 -29.02 1.49 -0.15
N GLY A 485 -30.22 0.98 0.16
CA GLY A 485 -31.12 1.73 1.00
C GLY A 485 -30.66 1.78 2.44
N GLU A 486 -30.09 0.67 2.92
CA GLU A 486 -29.60 0.63 4.30
C GLU A 486 -28.44 1.59 4.50
N LYS A 487 -27.61 1.80 3.48
CA LYS A 487 -26.55 2.79 3.59
C LYS A 487 -27.13 4.20 3.71
N GLN A 488 -28.12 4.51 2.86
CA GLN A 488 -28.80 5.79 2.97
C GLN A 488 -29.38 6.00 4.35
N ARG A 489 -29.97 4.95 4.92
CA ARG A 489 -30.60 5.07 6.23
C ARG A 489 -29.55 5.22 7.34
N LEU A 490 -28.42 4.53 7.21
CA LEU A 490 -27.34 4.72 8.16
C LEU A 490 -26.83 6.16 8.13
N ALA A 491 -26.73 6.74 6.93
CA ALA A 491 -26.26 8.11 6.83
C ALA A 491 -27.28 9.08 7.41
N ILE A 492 -28.57 8.86 7.13
CA ILE A 492 -29.60 9.69 7.72
C ILE A 492 -29.56 9.58 9.24
N ALA A 493 -29.22 8.40 9.76
CA ALA A 493 -29.12 8.22 11.20
C ALA A 493 -27.94 9.01 11.76
N ARG A 494 -26.77 8.89 11.11
CA ARG A 494 -25.64 9.74 11.47
C ARG A 494 -26.07 11.20 11.58
N VAL A 495 -26.82 11.66 10.59
CA VAL A 495 -27.16 13.08 10.52
C VAL A 495 -28.15 13.44 11.62
N LEU A 496 -29.12 12.55 11.89
CA LEU A 496 -30.04 12.80 12.99
C LEU A 496 -29.32 12.79 14.32
N LEU A 497 -28.19 12.09 14.39
CA LEU A 497 -27.42 12.04 15.63
C LEU A 497 -26.61 13.32 15.83
N LYS A 498 -25.96 13.79 14.76
CA LYS A 498 -25.26 15.07 14.84
C LYS A 498 -26.14 16.16 15.39
N ASN A 499 -27.45 16.07 15.18
CA ASN A 499 -28.42 17.04 15.70
C ASN A 499 -28.00 18.46 15.34
N ALA A 500 -27.76 18.68 14.05
CA ALA A 500 -27.28 19.96 13.56
C ALA A 500 -28.47 20.87 13.27
N ARG A 501 -28.20 22.02 12.67
CA ARG A 501 -29.21 23.03 12.36
C ARG A 501 -29.50 23.14 10.88
N ILE A 502 -28.48 23.09 10.03
CA ILE A 502 -28.65 23.16 8.58
C ILE A 502 -28.45 21.74 8.04
N MET A 503 -29.52 21.15 7.53
CA MET A 503 -29.53 19.77 7.09
C MET A 503 -29.61 19.72 5.57
N PHE A 504 -28.54 19.25 4.93
CA PHE A 504 -28.52 19.00 3.50
C PHE A 504 -28.80 17.52 3.26
N PHE A 505 -29.71 17.23 2.32
CA PHE A 505 -30.05 15.86 1.96
C PHE A 505 -29.87 15.72 0.45
N ASP A 506 -28.69 15.27 0.03
CA ASP A 506 -28.39 15.12 -1.40
C ASP A 506 -28.89 13.75 -1.85
N GLU A 507 -30.19 13.69 -2.16
CA GLU A 507 -30.83 12.48 -2.67
C GLU A 507 -30.66 11.33 -1.69
N ALA A 508 -31.25 11.52 -0.52
CA ALA A 508 -31.22 10.53 0.55
C ALA A 508 -32.35 9.52 0.45
N THR A 509 -33.11 9.53 -0.63
CA THR A 509 -34.23 8.62 -0.82
C THR A 509 -34.23 8.04 -2.23
N SER A 510 -33.05 7.88 -2.82
CA SER A 510 -32.95 7.38 -4.18
C SER A 510 -33.01 5.87 -4.25
N ALA A 511 -32.66 5.18 -3.17
CA ALA A 511 -32.68 3.73 -3.12
C ALA A 511 -33.78 3.18 -2.22
N LEU A 512 -34.57 4.05 -1.62
CA LEU A 512 -35.63 3.63 -0.70
C LEU A 512 -36.96 3.54 -1.44
N ASP A 513 -37.77 2.55 -1.06
CA ASP A 513 -39.10 2.43 -1.63
C ASP A 513 -39.99 3.56 -1.13
N THR A 514 -41.14 3.70 -1.78
CA THR A 514 -42.05 4.80 -1.45
C THR A 514 -42.52 4.69 0.00
N HIS A 515 -42.81 3.48 0.47
CA HIS A 515 -43.27 3.30 1.83
C HIS A 515 -42.23 3.79 2.84
N THR A 516 -41.03 3.19 2.78
CA THR A 516 -39.95 3.62 3.67
C THR A 516 -39.64 5.10 3.49
N GLU A 517 -39.72 5.59 2.25
CA GLU A 517 -39.38 6.98 1.97
C GLU A 517 -40.33 7.93 2.71
N GLN A 518 -41.63 7.73 2.53
CA GLN A 518 -42.60 8.63 3.17
C GLN A 518 -42.55 8.47 4.69
N ALA A 519 -42.43 7.23 5.18
CA ALA A 519 -42.31 7.04 6.62
C ALA A 519 -41.12 7.80 7.18
N LEU A 520 -40.00 7.76 6.47
CA LEU A 520 -38.78 8.39 6.95
C LEU A 520 -38.88 9.91 6.91
N LEU A 521 -39.43 10.46 5.82
CA LEU A 521 -39.60 11.90 5.75
C LEU A 521 -40.56 12.39 6.82
N ARG A 522 -41.60 11.62 7.10
CA ARG A 522 -42.52 11.98 8.18
C ARG A 522 -41.82 11.96 9.53
N THR A 523 -41.09 10.88 9.81
CA THR A 523 -40.34 10.81 11.06
C THR A 523 -39.36 11.96 11.20
N ILE A 524 -38.81 12.44 10.08
CA ILE A 524 -37.82 13.50 10.13
C ILE A 524 -38.49 14.85 10.39
N ARG A 525 -39.40 15.25 9.51
CA ARG A 525 -40.05 16.55 9.67
C ARG A 525 -40.84 16.66 10.97
N ASP A 526 -41.08 15.55 11.66
CA ASP A 526 -41.79 15.54 12.93
C ASP A 526 -40.86 15.40 14.12
N ASN A 527 -39.54 15.31 13.88
CA ASN A 527 -38.57 15.18 14.96
C ASN A 527 -38.15 16.54 15.51
N PHE A 528 -38.02 17.53 14.64
CA PHE A 528 -37.57 18.85 15.02
C PHE A 528 -38.76 19.82 15.04
N THR A 529 -38.57 20.92 15.77
CA THR A 529 -39.59 21.95 15.80
C THR A 529 -39.74 22.57 14.41
N SER A 530 -40.85 23.28 14.23
CA SER A 530 -41.21 23.81 12.92
C SER A 530 -40.40 25.04 12.51
N GLY A 531 -39.46 25.49 13.34
CA GLY A 531 -38.70 26.68 13.02
C GLY A 531 -37.25 26.64 13.47
N SER A 532 -36.79 25.45 13.85
CA SER A 532 -35.43 25.27 14.34
C SER A 532 -34.44 25.01 13.21
N ARG A 533 -34.68 23.95 12.44
CA ARG A 533 -33.74 23.50 11.43
C ARG A 533 -34.04 24.11 10.07
N THR A 534 -32.99 24.27 9.28
CA THR A 534 -33.06 24.75 7.91
C THR A 534 -32.67 23.59 7.00
N SER A 535 -33.62 23.09 6.23
CA SER A 535 -33.44 21.88 5.43
C SER A 535 -33.34 22.22 3.95
N VAL A 536 -32.44 21.54 3.26
CA VAL A 536 -32.25 21.69 1.82
C VAL A 536 -32.22 20.30 1.22
N TYR A 537 -33.23 19.96 0.44
CA TYR A 537 -33.37 18.65 -0.16
C TYR A 537 -33.00 18.73 -1.64
N ILE A 538 -31.95 18.02 -2.04
CA ILE A 538 -31.66 17.78 -3.44
C ILE A 538 -32.52 16.60 -3.88
N ALA A 539 -33.51 16.85 -4.72
CA ALA A 539 -34.53 15.87 -5.01
C ALA A 539 -34.71 15.70 -6.51
N HIS A 540 -34.87 14.44 -6.92
CA HIS A 540 -35.33 14.09 -8.25
C HIS A 540 -36.72 13.48 -8.24
N ARG A 541 -37.19 13.02 -7.08
CA ARG A 541 -38.57 12.56 -6.91
C ARG A 541 -39.36 13.75 -6.38
N LEU A 542 -39.90 14.55 -7.31
CA LEU A 542 -40.55 15.80 -6.95
C LEU A 542 -41.77 15.60 -6.06
N ARG A 543 -42.20 14.36 -5.83
CA ARG A 543 -43.32 14.11 -4.94
C ARG A 543 -42.92 14.17 -3.47
N THR A 544 -41.62 14.10 -3.19
CA THR A 544 -41.13 14.18 -1.81
C THR A 544 -40.83 15.61 -1.37
N ILE A 545 -40.90 16.58 -2.29
CA ILE A 545 -40.55 17.96 -1.97
C ILE A 545 -41.73 18.86 -2.31
N ALA A 546 -42.94 18.28 -2.31
CA ALA A 546 -44.13 19.08 -2.60
C ALA A 546 -44.50 19.97 -1.43
N ASP A 547 -44.22 19.53 -0.22
CA ASP A 547 -44.50 20.28 1.00
C ASP A 547 -43.43 21.32 1.31
N ALA A 548 -42.52 21.57 0.38
CA ALA A 548 -41.45 22.52 0.62
C ALA A 548 -41.96 23.95 0.56
N ASP A 549 -41.33 24.82 1.34
CA ASP A 549 -41.71 26.22 1.40
C ASP A 549 -41.01 27.08 0.36
N LYS A 550 -40.01 26.53 -0.32
CA LYS A 550 -39.31 27.27 -1.37
C LYS A 550 -38.57 26.28 -2.25
N ILE A 551 -38.93 26.24 -3.53
CA ILE A 551 -38.29 25.35 -4.49
C ILE A 551 -37.37 26.20 -5.37
N ILE A 552 -36.11 25.82 -5.42
CA ILE A 552 -35.08 26.51 -6.18
C ILE A 552 -34.74 25.64 -7.38
N VAL A 553 -35.16 26.07 -8.57
CA VAL A 553 -34.91 25.36 -9.80
C VAL A 553 -33.74 26.02 -10.50
N LEU A 554 -32.70 25.25 -10.79
CA LEU A 554 -31.52 25.79 -11.46
C LEU A 554 -31.19 24.93 -12.66
N ASP A 555 -30.69 25.57 -13.71
CA ASP A 555 -30.25 24.90 -14.92
C ASP A 555 -29.01 25.60 -15.46
N ASN A 556 -28.12 24.80 -16.05
CA ASN A 556 -26.87 25.30 -16.60
C ASN A 556 -26.20 26.27 -15.65
N GLY A 557 -26.21 25.96 -14.36
CA GLY A 557 -25.53 26.79 -13.38
C GLY A 557 -26.13 28.15 -13.19
N ARG A 558 -27.46 28.26 -13.26
CA ARG A 558 -28.13 29.53 -13.07
C ARG A 558 -29.54 29.25 -12.54
N VAL A 559 -29.93 30.02 -11.52
CA VAL A 559 -31.24 29.85 -10.89
C VAL A 559 -32.29 30.45 -11.80
N ARG A 560 -33.18 29.61 -12.32
CA ARG A 560 -34.21 30.04 -13.26
C ARG A 560 -35.51 30.40 -12.56
N GLU A 561 -35.97 29.53 -11.65
CA GLU A 561 -37.24 29.71 -10.98
C GLU A 561 -37.06 29.58 -9.47
N GLU A 562 -37.94 30.26 -8.73
CA GLU A 562 -37.92 30.21 -7.28
C GLU A 562 -39.33 30.46 -6.77
N GLY A 563 -39.84 29.54 -5.97
CA GLY A 563 -41.18 29.69 -5.43
C GLY A 563 -41.71 28.37 -4.93
N LYS A 564 -42.91 28.44 -4.37
CA LYS A 564 -43.56 27.27 -3.80
C LYS A 564 -44.01 26.33 -4.90
N HIS A 565 -44.61 25.21 -4.48
CA HIS A 565 -44.99 24.16 -5.42
C HIS A 565 -46.01 24.67 -6.44
N LEU A 566 -47.19 25.08 -5.97
CA LEU A 566 -48.25 25.46 -6.88
C LEU A 566 -47.92 26.74 -7.64
N GLU A 567 -47.16 27.65 -7.02
CA GLU A 567 -46.79 28.88 -7.71
C GLU A 567 -46.02 28.58 -8.99
N LEU A 568 -45.31 27.46 -9.04
CA LEU A 568 -44.58 27.05 -10.22
C LEU A 568 -45.38 26.11 -11.10
N LEU A 569 -46.11 25.19 -10.49
CA LEU A 569 -46.91 24.24 -11.25
C LEU A 569 -48.01 24.97 -12.02
N ALA A 570 -48.74 25.85 -11.36
CA ALA A 570 -49.80 26.63 -12.00
C ALA A 570 -49.22 27.92 -12.57
N MET A 571 -48.23 27.74 -13.45
CA MET A 571 -47.59 28.87 -14.12
C MET A 571 -47.00 28.40 -15.44
N PRO A 572 -47.50 28.86 -16.58
CA PRO A 572 -46.98 28.38 -17.86
C PRO A 572 -45.54 28.81 -18.10
N GLY A 573 -44.85 28.03 -18.93
CA GLY A 573 -43.45 28.29 -19.20
C GLY A 573 -42.50 27.89 -18.10
N SER A 574 -42.94 27.07 -17.15
CA SER A 574 -42.11 26.69 -16.02
C SER A 574 -41.46 25.33 -16.26
N LEU A 575 -40.17 25.26 -15.96
CA LEU A 575 -39.46 24.00 -16.07
C LEU A 575 -39.97 23.00 -15.03
N TYR A 576 -40.27 23.47 -13.83
CA TYR A 576 -40.85 22.61 -12.81
C TYR A 576 -42.15 22.00 -13.29
N ARG A 577 -42.93 22.76 -14.06
CA ARG A 577 -44.18 22.22 -14.59
C ARG A 577 -43.92 21.09 -15.57
N GLU A 578 -42.91 21.24 -16.44
CA GLU A 578 -42.59 20.17 -17.37
C GLU A 578 -42.10 18.92 -16.62
N LEU A 579 -41.28 19.13 -15.60
CA LEU A 579 -40.79 17.98 -14.82
C LEU A 579 -41.95 17.27 -14.14
N TRP A 580 -42.85 18.02 -13.51
CA TRP A 580 -44.00 17.39 -12.86
C TRP A 580 -44.92 16.72 -13.87
N THR A 581 -45.05 17.29 -15.07
CA THR A 581 -45.84 16.65 -16.12
C THR A 581 -45.25 15.30 -16.48
N ILE A 582 -43.95 15.26 -16.76
CA ILE A 582 -43.31 14.00 -17.12
C ILE A 582 -43.30 13.04 -15.94
N GLN A 583 -43.39 13.54 -14.71
CA GLN A 583 -43.42 12.67 -13.55
C GLN A 583 -44.81 12.13 -13.25
N GLU A 584 -45.86 12.81 -13.71
CA GLU A 584 -47.22 12.37 -13.41
C GLU A 584 -47.68 11.24 -14.34
N ASP A 585 -47.38 11.35 -15.63
CA ASP A 585 -47.78 10.32 -16.59
C ASP A 585 -46.61 9.39 -16.93
N LEU B 1 9.07 -21.17 3.00
CA LEU B 1 10.30 -21.25 2.23
C LEU B 1 10.26 -22.41 1.25
N LYS B 2 9.07 -22.99 1.04
CA LYS B 2 8.90 -24.10 0.11
C LYS B 2 8.37 -23.66 -1.24
N ASP B 3 7.33 -22.80 -1.26
CA ASP B 3 6.81 -22.31 -2.52
C ASP B 3 7.87 -21.51 -3.28
N LEU B 4 8.69 -20.76 -2.54
CA LEU B 4 9.78 -20.04 -3.17
C LEU B 4 10.72 -20.99 -3.90
N PHE B 5 11.07 -22.10 -3.25
CA PHE B 5 11.89 -23.11 -3.93
C PHE B 5 11.16 -23.69 -5.12
N ARG B 6 9.83 -23.69 -5.09
CA ARG B 6 9.06 -24.16 -6.23
C ARG B 6 9.07 -23.16 -7.38
N TYR B 7 9.33 -21.89 -7.10
CA TYR B 7 9.42 -20.89 -8.16
C TYR B 7 10.82 -20.74 -8.71
N ILE B 8 11.84 -20.91 -7.87
CA ILE B 8 13.23 -20.80 -8.34
C ILE B 8 13.80 -22.13 -8.82
N TRP B 9 13.10 -23.24 -8.60
CA TRP B 9 13.58 -24.56 -9.00
C TRP B 9 12.39 -25.39 -9.45
N PRO B 10 11.72 -24.97 -10.53
CA PRO B 10 10.46 -25.59 -10.93
C PRO B 10 10.66 -26.82 -11.80
N LYS B 11 9.56 -27.56 -11.95
CA LYS B 11 9.53 -28.68 -12.88
C LYS B 11 9.55 -28.16 -14.31
N GLY B 12 10.46 -28.68 -15.12
CA GLY B 12 10.69 -28.14 -16.45
C GLY B 12 11.46 -26.83 -16.37
N ASN B 13 11.66 -26.23 -17.53
CA ASN B 13 12.38 -24.96 -17.64
C ASN B 13 13.80 -25.11 -17.08
N ASN B 14 14.57 -25.98 -17.74
CA ASN B 14 15.94 -26.22 -17.28
C ASN B 14 16.79 -24.97 -17.33
N LYS B 15 16.35 -23.92 -18.01
CA LYS B 15 17.13 -22.69 -18.07
C LYS B 15 17.34 -22.10 -16.68
N VAL B 16 16.25 -21.94 -15.92
CA VAL B 16 16.38 -21.36 -14.58
C VAL B 16 17.16 -22.28 -13.66
N ARG B 17 17.01 -23.60 -13.82
CA ARG B 17 17.79 -24.52 -13.00
C ARG B 17 19.28 -24.40 -13.28
N ILE B 18 19.66 -24.30 -14.55
CA ILE B 18 21.06 -24.11 -14.91
C ILE B 18 21.56 -22.77 -14.38
N ARG B 19 20.73 -21.73 -14.45
CA ARG B 19 21.12 -20.43 -13.91
C ARG B 19 21.38 -20.53 -12.41
N VAL B 20 20.51 -21.23 -11.69
CA VAL B 20 20.69 -21.37 -10.25
C VAL B 20 21.95 -22.18 -9.95
N LEU B 21 22.21 -23.22 -10.74
CA LEU B 21 23.41 -24.02 -10.51
C LEU B 21 24.67 -23.21 -10.76
N ILE B 22 24.66 -22.35 -11.78
CA ILE B 22 25.81 -21.50 -12.04
C ILE B 22 26.00 -20.49 -10.92
N ALA B 23 24.91 -19.91 -10.43
CA ALA B 23 25.00 -19.03 -9.27
C ALA B 23 25.62 -19.76 -8.09
N LEU B 24 25.21 -21.01 -7.86
CA LEU B 24 25.74 -21.78 -6.76
C LEU B 24 27.24 -22.03 -6.94
N GLY B 25 27.65 -22.37 -8.16
CA GLY B 25 29.07 -22.59 -8.42
C GLY B 25 29.90 -21.34 -8.18
N LEU B 26 29.38 -20.20 -8.61
CA LEU B 26 30.09 -18.94 -8.40
C LEU B 26 30.18 -18.62 -6.91
N LEU B 27 29.10 -18.87 -6.17
CA LEU B 27 29.13 -18.73 -4.72
C LEU B 27 30.23 -19.58 -4.10
N ILE B 28 30.24 -20.86 -4.47
CA ILE B 28 31.27 -21.78 -3.98
C ILE B 28 32.66 -21.22 -4.23
N SER B 29 32.94 -20.87 -5.48
CA SER B 29 34.28 -20.41 -5.84
C SER B 29 34.63 -19.12 -5.13
N ALA B 30 33.65 -18.23 -4.97
CA ALA B 30 33.90 -16.99 -4.25
C ALA B 30 34.35 -17.27 -2.83
N LYS B 31 33.64 -18.16 -2.13
CA LYS B 31 34.05 -18.48 -0.77
C LYS B 31 35.38 -19.19 -0.74
N ILE B 32 35.68 -20.01 -1.75
CA ILE B 32 36.96 -20.69 -1.80
C ILE B 32 38.09 -19.68 -1.87
N LEU B 33 37.96 -18.68 -2.73
CA LEU B 33 39.01 -17.68 -2.85
C LEU B 33 39.09 -16.80 -1.60
N ASN B 34 37.94 -16.45 -1.02
CA ASN B 34 37.93 -15.67 0.20
C ASN B 34 38.56 -16.42 1.37
N VAL B 35 38.55 -17.76 1.30
CA VAL B 35 39.22 -18.56 2.32
C VAL B 35 40.67 -18.83 1.97
N GLN B 36 41.06 -18.71 0.72
CA GLN B 36 42.43 -18.97 0.30
C GLN B 36 43.32 -17.75 0.39
N VAL B 37 42.75 -16.55 0.32
CA VAL B 37 43.55 -15.32 0.35
C VAL B 37 44.40 -15.24 1.63
N PRO B 38 43.89 -15.66 2.80
CA PRO B 38 44.72 -15.53 4.00
C PRO B 38 45.94 -16.44 3.97
N PHE B 39 45.89 -17.54 3.23
CA PHE B 39 47.07 -18.38 3.11
C PHE B 39 48.17 -17.67 2.32
N PHE B 40 47.80 -16.94 1.27
CA PHE B 40 48.78 -16.12 0.58
C PHE B 40 49.33 -15.04 1.49
N PHE B 41 48.47 -14.45 2.31
CA PHE B 41 48.94 -13.45 3.26
C PHE B 41 49.96 -14.06 4.22
N LYS B 42 49.67 -15.25 4.73
CA LYS B 42 50.60 -15.93 5.62
C LYS B 42 51.91 -16.23 4.91
N GLN B 43 51.85 -16.65 3.65
CA GLN B 43 53.06 -16.95 2.91
C GLN B 43 53.94 -15.73 2.79
N THR B 44 53.35 -14.59 2.40
CA THR B 44 54.16 -13.38 2.26
C THR B 44 54.70 -12.92 3.61
N ILE B 45 53.90 -13.07 4.67
CA ILE B 45 54.39 -12.71 6.01
C ILE B 45 55.62 -13.55 6.35
N ASP B 46 55.46 -14.87 6.37
CA ASP B 46 56.54 -15.76 6.76
C ASP B 46 57.71 -15.72 5.79
N SER B 47 57.52 -15.17 4.59
CA SER B 47 58.64 -15.00 3.67
C SER B 47 59.34 -13.66 3.82
N MET B 48 58.68 -12.67 4.41
CA MET B 48 59.31 -11.39 4.71
C MET B 48 59.92 -11.36 6.10
N ASN B 49 59.69 -12.39 6.92
CA ASN B 49 60.22 -12.43 8.28
C ASN B 49 61.70 -12.76 8.33
N ILE B 50 62.35 -12.99 7.20
CA ILE B 50 63.77 -13.30 7.16
C ILE B 50 64.56 -12.03 7.45
N ALA B 51 65.85 -12.19 7.71
CA ALA B 51 66.73 -11.06 7.97
C ALA B 51 67.37 -10.61 6.67
N TRP B 52 67.07 -9.38 6.27
CA TRP B 52 67.65 -8.79 5.07
C TRP B 52 68.93 -8.06 5.43
N ASP B 53 69.99 -8.34 4.69
CA ASP B 53 71.31 -7.79 4.96
C ASP B 53 71.69 -6.65 4.03
N ASP B 54 70.75 -6.15 3.24
CA ASP B 54 71.02 -5.04 2.33
C ASP B 54 69.75 -4.23 2.11
N PRO B 55 69.63 -3.04 2.70
CA PRO B 55 68.42 -2.23 2.49
C PRO B 55 68.14 -1.91 1.04
N THR B 56 69.12 -2.03 0.16
CA THR B 56 68.93 -1.72 -1.26
C THR B 56 68.44 -2.90 -2.07
N VAL B 57 68.38 -4.10 -1.49
CA VAL B 57 67.94 -5.27 -2.24
C VAL B 57 66.56 -5.03 -2.82
N ALA B 58 66.33 -5.53 -4.02
CA ALA B 58 65.03 -5.44 -4.65
C ALA B 58 64.14 -6.60 -4.19
N LEU B 59 62.84 -6.37 -4.23
CA LEU B 59 61.91 -7.38 -3.75
C LEU B 59 62.02 -8.64 -4.60
N PRO B 60 62.23 -9.80 -3.98
CA PRO B 60 62.25 -11.03 -4.78
C PRO B 60 60.97 -11.22 -5.56
N ALA B 61 61.05 -12.06 -6.59
CA ALA B 61 59.91 -12.25 -7.48
C ALA B 61 58.86 -13.15 -6.85
N ALA B 62 59.27 -14.12 -6.03
CA ALA B 62 58.29 -15.01 -5.42
C ALA B 62 57.31 -14.25 -4.54
N ILE B 63 57.82 -13.28 -3.77
CA ILE B 63 56.96 -12.56 -2.85
C ILE B 63 56.06 -11.59 -3.62
N GLY B 64 56.61 -10.92 -4.64
CA GLY B 64 55.76 -10.11 -5.50
C GLY B 64 54.65 -10.93 -6.12
N LEU B 65 54.95 -12.15 -6.54
CA LEU B 65 53.97 -13.00 -7.18
C LEU B 65 52.91 -13.46 -6.19
N THR B 66 53.30 -13.77 -4.96
CA THR B 66 52.31 -14.21 -3.99
C THR B 66 51.45 -13.05 -3.50
N ILE B 67 52.00 -11.84 -3.46
CA ILE B 67 51.16 -10.67 -3.16
C ILE B 67 50.18 -10.42 -4.30
N LEU B 68 50.66 -10.57 -5.54
CA LEU B 68 49.75 -10.50 -6.68
C LEU B 68 48.64 -11.52 -6.56
N CYS B 69 48.98 -12.75 -6.18
CA CYS B 69 47.97 -13.79 -6.02
C CYS B 69 46.99 -13.42 -4.91
N TYR B 70 47.48 -12.83 -3.83
CA TYR B 70 46.61 -12.39 -2.75
C TYR B 70 45.58 -11.38 -3.26
N GLY B 71 46.05 -10.33 -3.93
CA GLY B 71 45.13 -9.35 -4.46
C GLY B 71 44.17 -9.94 -5.48
N VAL B 72 44.67 -10.83 -6.34
CA VAL B 72 43.84 -11.44 -7.36
C VAL B 72 42.76 -12.30 -6.74
N ALA B 73 43.09 -13.01 -5.66
CA ALA B 73 42.08 -13.84 -5.00
C ALA B 73 41.03 -12.98 -4.33
N ARG B 74 41.44 -11.90 -3.67
CA ARG B 74 40.45 -10.98 -3.09
C ARG B 74 39.51 -10.45 -4.18
N PHE B 75 40.07 -9.96 -5.28
CA PHE B 75 39.25 -9.44 -6.36
C PHE B 75 38.35 -10.51 -6.94
N GLY B 76 38.88 -11.72 -7.12
CA GLY B 76 38.06 -12.79 -7.67
C GLY B 76 36.92 -13.18 -6.76
N SER B 77 37.15 -13.18 -5.45
CA SER B 77 36.06 -13.43 -4.52
C SER B 77 34.94 -12.41 -4.72
N VAL B 78 35.30 -11.12 -4.70
CA VAL B 78 34.27 -10.10 -4.85
C VAL B 78 33.60 -10.21 -6.22
N LEU B 79 34.39 -10.54 -7.25
CA LEU B 79 33.86 -10.62 -8.60
C LEU B 79 32.84 -11.73 -8.73
N PHE B 80 33.18 -12.92 -8.23
CA PHE B 80 32.25 -14.03 -8.28
C PHE B 80 31.00 -13.72 -7.46
N GLY B 81 31.18 -13.05 -6.31
CA GLY B 81 30.02 -12.63 -5.55
C GLY B 81 29.08 -11.76 -6.37
N GLU B 82 29.64 -10.81 -7.12
CA GLU B 82 28.81 -9.89 -7.87
C GLU B 82 28.17 -10.57 -9.08
N LEU B 83 28.90 -11.47 -9.74
CA LEU B 83 28.31 -12.22 -10.84
C LEU B 83 27.16 -13.09 -10.35
N ARG B 84 27.34 -13.73 -9.20
CA ARG B 84 26.25 -14.48 -8.58
C ARG B 84 25.06 -13.58 -8.33
N ASN B 85 25.30 -12.39 -7.77
CA ASN B 85 24.23 -11.45 -7.54
C ASN B 85 23.46 -11.16 -8.84
N ALA B 86 24.19 -10.89 -9.91
CA ALA B 86 23.56 -10.57 -11.20
C ALA B 86 22.70 -11.72 -11.69
N VAL B 87 23.28 -12.92 -11.74
CA VAL B 87 22.57 -14.08 -12.26
C VAL B 87 21.30 -14.35 -11.44
N PHE B 88 21.45 -14.45 -10.12
CA PHE B 88 20.28 -14.74 -9.32
C PHE B 88 19.31 -13.57 -9.29
N ALA B 89 19.74 -12.37 -9.65
CA ALA B 89 18.77 -11.30 -9.87
C ALA B 89 17.92 -11.60 -11.08
N LYS B 90 18.56 -11.97 -12.19
CA LYS B 90 17.80 -12.36 -13.38
C LYS B 90 16.82 -13.48 -13.06
N VAL B 91 17.14 -14.32 -12.08
CA VAL B 91 16.22 -15.40 -11.72
C VAL B 91 15.10 -14.91 -10.81
N ALA B 92 15.46 -14.20 -9.75
CA ALA B 92 14.47 -13.78 -8.75
C ALA B 92 13.45 -12.82 -9.32
N GLN B 93 13.87 -11.96 -10.26
CA GLN B 93 12.90 -11.03 -10.83
C GLN B 93 11.87 -11.75 -11.68
N ASN B 94 12.30 -12.77 -12.44
CA ASN B 94 11.33 -13.60 -13.13
C ASN B 94 10.38 -14.28 -12.15
N ALA B 95 10.92 -14.79 -11.04
CA ALA B 95 10.05 -15.42 -10.05
C ALA B 95 9.02 -14.43 -9.51
N ILE B 96 9.46 -13.21 -9.21
CA ILE B 96 8.55 -12.22 -8.64
C ILE B 96 7.47 -11.85 -9.65
N ARG B 97 7.87 -11.63 -10.91
CA ARG B 97 6.88 -11.37 -11.95
C ARG B 97 5.84 -12.49 -12.00
N THR B 98 6.32 -13.73 -12.03
CA THR B 98 5.42 -14.87 -12.13
C THR B 98 4.43 -14.89 -10.98
N VAL B 99 4.93 -14.72 -9.76
CA VAL B 99 4.06 -14.85 -8.59
C VAL B 99 3.08 -13.69 -8.53
N SER B 100 3.54 -12.48 -8.86
CA SER B 100 2.63 -11.33 -8.87
C SER B 100 1.49 -11.55 -9.86
N LEU B 101 1.82 -12.01 -11.06
CA LEU B 101 0.79 -12.21 -12.07
C LEU B 101 -0.16 -13.32 -11.68
N GLN B 102 0.37 -14.42 -11.14
CA GLN B 102 -0.50 -15.52 -10.72
C GLN B 102 -1.42 -15.08 -9.60
N THR B 103 -0.91 -14.29 -8.67
CA THR B 103 -1.72 -13.82 -7.56
C THR B 103 -2.83 -12.89 -8.06
N PHE B 104 -2.49 -12.00 -9.00
CA PHE B 104 -3.52 -11.14 -9.59
C PHE B 104 -4.60 -11.97 -10.28
N GLN B 105 -4.18 -12.92 -11.10
CA GLN B 105 -5.15 -13.78 -11.78
C GLN B 105 -6.07 -14.47 -10.78
N HIS B 106 -5.49 -15.02 -9.70
CA HIS B 106 -6.32 -15.67 -8.69
C HIS B 106 -7.31 -14.70 -8.09
N LEU B 107 -6.81 -13.57 -7.55
CA LEU B 107 -7.69 -12.56 -7.00
C LEU B 107 -8.84 -12.26 -7.94
N MET B 108 -8.57 -12.22 -9.24
CA MET B 108 -9.63 -12.04 -10.21
C MET B 108 -10.53 -13.26 -10.32
N LYS B 109 -10.03 -14.44 -9.93
CA LYS B 109 -10.83 -15.66 -10.00
C LYS B 109 -11.69 -15.88 -8.76
N LEU B 110 -11.30 -15.32 -7.63
CA LEU B 110 -12.00 -15.56 -6.39
C LEU B 110 -13.42 -15.03 -6.46
N ASP B 111 -14.20 -15.36 -5.43
CA ASP B 111 -15.60 -14.96 -5.37
C ASP B 111 -15.70 -13.55 -4.82
N LEU B 112 -16.94 -13.07 -4.69
CA LEU B 112 -17.17 -11.71 -4.23
C LEU B 112 -17.09 -11.61 -2.71
N GLY B 113 -17.79 -12.48 -2.01
CA GLY B 113 -17.79 -12.48 -0.56
C GLY B 113 -16.40 -12.41 0.04
N TRP B 114 -15.41 -12.87 -0.73
CA TRP B 114 -14.03 -12.82 -0.28
C TRP B 114 -13.43 -11.44 -0.48
N HIS B 115 -13.92 -10.70 -1.48
CA HIS B 115 -13.40 -9.35 -1.74
C HIS B 115 -14.11 -8.32 -0.90
N LEU B 116 -15.41 -8.48 -0.67
CA LEU B 116 -16.16 -7.53 0.15
C LEU B 116 -15.76 -7.62 1.61
N SER B 117 -15.42 -8.83 2.07
CA SER B 117 -15.00 -9.01 3.46
C SER B 117 -13.67 -8.34 3.75
N ARG B 118 -12.94 -7.94 2.72
CA ARG B 118 -11.57 -7.46 2.87
C ARG B 118 -11.42 -6.09 2.22
N GLN B 119 -10.44 -5.35 2.69
CA GLN B 119 -10.19 -3.99 2.22
C GLN B 119 -9.09 -4.01 1.18
N THR B 120 -9.38 -3.44 0.01
CA THR B 120 -8.48 -3.57 -1.13
C THR B 120 -7.08 -3.04 -0.81
N GLY B 121 -7.02 -1.92 -0.09
CA GLY B 121 -5.71 -1.43 0.33
C GLY B 121 -4.92 -2.49 1.06
N GLY B 122 -5.59 -3.33 1.83
CA GLY B 122 -4.90 -4.42 2.50
C GLY B 122 -4.31 -5.42 1.54
N LEU B 123 -5.06 -5.76 0.49
CA LEU B 123 -4.55 -6.69 -0.52
C LEU B 123 -3.33 -6.11 -1.22
N THR B 124 -3.42 -4.85 -1.65
CA THR B 124 -2.29 -4.24 -2.35
C THR B 124 -1.09 -4.11 -1.44
N ARG B 125 -1.31 -3.79 -0.17
CA ARG B 125 -0.22 -3.71 0.79
C ARG B 125 0.43 -5.07 1.00
N ALA B 126 -0.38 -6.11 1.12
CA ALA B 126 0.16 -7.46 1.26
C ALA B 126 0.98 -7.84 0.04
N MET B 127 0.50 -7.52 -1.16
CA MET B 127 1.22 -7.88 -2.37
C MET B 127 2.55 -7.14 -2.46
N ASP B 128 2.55 -5.84 -2.19
CA ASP B 128 3.80 -5.08 -2.21
C ASP B 128 4.78 -5.61 -1.18
N ARG B 129 4.32 -5.77 0.05
CA ARG B 129 5.19 -6.28 1.11
C ARG B 129 5.70 -7.67 0.77
N GLY B 130 4.89 -8.48 0.10
CA GLY B 130 5.31 -9.83 -0.22
C GLY B 130 6.33 -9.88 -1.33
N THR B 131 6.20 -9.00 -2.32
CA THR B 131 7.22 -8.94 -3.35
C THR B 131 8.54 -8.43 -2.78
N LYS B 132 8.49 -7.39 -1.95
CA LYS B 132 9.70 -6.94 -1.30
C LYS B 132 10.27 -8.01 -0.37
N GLY B 133 9.40 -8.83 0.21
CA GLY B 133 9.88 -9.89 1.07
C GLY B 133 10.55 -11.01 0.31
N ILE B 134 10.00 -11.37 -0.84
CA ILE B 134 10.68 -12.32 -1.73
C ILE B 134 12.05 -11.78 -2.09
N SER B 135 12.11 -10.52 -2.51
CA SER B 135 13.39 -9.93 -2.89
C SER B 135 14.39 -9.99 -1.76
N GLN B 136 13.98 -9.59 -0.55
CA GLN B 136 14.91 -9.57 0.57
C GLN B 136 15.29 -10.98 1.01
N VAL B 137 14.32 -11.89 1.03
CA VAL B 137 14.61 -13.27 1.42
C VAL B 137 15.66 -13.88 0.51
N LEU B 138 15.52 -13.67 -0.80
CA LEU B 138 16.51 -14.22 -1.72
C LEU B 138 17.84 -13.49 -1.57
N THR B 139 17.82 -12.16 -1.63
CA THR B 139 19.01 -11.35 -1.46
C THR B 139 19.76 -11.66 -0.17
N ALA B 140 19.09 -12.26 0.81
CA ALA B 140 19.73 -12.65 2.06
C ALA B 140 20.14 -14.11 2.10
N MET B 141 19.37 -14.98 1.46
CA MET B 141 19.63 -16.41 1.51
C MET B 141 20.67 -16.86 0.49
N VAL B 142 20.98 -16.04 -0.51
CA VAL B 142 22.01 -16.37 -1.48
C VAL B 142 23.16 -15.37 -1.48
N PHE B 143 23.11 -14.34 -0.64
CA PHE B 143 24.24 -13.42 -0.47
C PHE B 143 24.91 -13.55 0.89
N HIS B 144 24.12 -13.73 1.96
CA HIS B 144 24.64 -13.55 3.31
C HIS B 144 24.14 -14.59 4.31
N ILE B 145 23.65 -15.73 3.85
CA ILE B 145 23.26 -16.82 4.77
C ILE B 145 23.94 -18.11 4.35
N ILE B 146 23.72 -18.52 3.11
CA ILE B 146 24.31 -19.75 2.58
C ILE B 146 25.81 -19.56 2.43
N PRO B 147 26.28 -18.43 1.89
CA PRO B 147 27.73 -18.24 1.78
C PRO B 147 28.44 -18.23 3.11
N ILE B 148 27.89 -17.54 4.11
CA ILE B 148 28.53 -17.52 5.41
C ILE B 148 28.50 -18.91 6.04
N SER B 149 27.47 -19.71 5.74
CA SER B 149 27.41 -21.06 6.26
C SER B 149 28.50 -21.93 5.64
N PHE B 150 28.66 -21.85 4.32
CA PHE B 150 29.71 -22.60 3.66
C PHE B 150 31.09 -22.16 4.17
N GLU B 151 31.26 -20.86 4.38
CA GLU B 151 32.54 -20.36 4.87
C GLU B 151 32.81 -20.84 6.29
N ILE B 152 31.79 -20.85 7.14
CA ILE B 152 31.95 -21.36 8.49
C ILE B 152 32.33 -22.83 8.45
N SER B 153 31.69 -23.60 7.58
CA SER B 153 32.00 -25.02 7.49
C SER B 153 33.45 -25.23 7.09
N VAL B 154 33.90 -24.55 6.04
CA VAL B 154 35.26 -24.77 5.57
C VAL B 154 36.28 -24.22 6.58
N VAL B 155 35.92 -23.17 7.31
CA VAL B 155 36.83 -22.65 8.33
C VAL B 155 36.97 -23.64 9.47
N CYS B 156 35.85 -24.19 9.93
CA CYS B 156 35.92 -25.25 10.94
C CYS B 156 36.80 -26.39 10.46
N GLY B 157 36.60 -26.81 9.21
CA GLY B 157 37.40 -27.90 8.67
C GLY B 157 38.89 -27.56 8.64
N ILE B 158 39.23 -26.35 8.23
CA ILE B 158 40.63 -25.96 8.13
C ILE B 158 41.26 -25.91 9.52
N LEU B 159 40.60 -25.25 10.46
CA LEU B 159 41.16 -25.12 11.80
C LEU B 159 41.17 -26.45 12.55
N THR B 160 40.39 -27.43 12.08
CA THR B 160 40.44 -28.76 12.65
C THR B 160 41.51 -29.63 12.01
N TYR B 161 41.83 -29.39 10.74
CA TYR B 161 42.77 -30.22 10.01
C TYR B 161 44.20 -29.72 10.07
N GLN B 162 44.40 -28.42 10.28
CA GLN B 162 45.72 -27.82 10.17
C GLN B 162 46.33 -27.40 11.51
N PHE B 163 45.52 -27.24 12.56
CA PHE B 163 46.02 -26.76 13.84
C PHE B 163 45.51 -27.64 14.98
N GLY B 164 45.21 -28.89 14.70
CA GLY B 164 44.84 -29.84 15.74
C GLY B 164 43.36 -29.85 16.02
N ALA B 165 43.01 -30.61 17.06
CA ALA B 165 41.63 -30.77 17.48
C ALA B 165 41.21 -29.79 18.56
N SER B 166 42.17 -29.12 19.22
CA SER B 166 41.81 -28.11 20.20
C SER B 166 40.97 -27.01 19.56
N PHE B 167 41.50 -26.39 18.50
CA PHE B 167 40.74 -25.38 17.77
C PHE B 167 39.39 -25.92 17.35
N ALA B 168 39.31 -27.21 17.02
CA ALA B 168 38.03 -27.80 16.65
C ALA B 168 37.05 -27.75 17.80
N ALA B 169 37.50 -28.15 18.99
CA ALA B 169 36.64 -28.08 20.17
C ALA B 169 36.20 -26.66 20.43
N ILE B 170 37.14 -25.71 20.33
CA ILE B 170 36.78 -24.31 20.56
C ILE B 170 35.70 -23.87 19.59
N THR B 171 35.89 -24.15 18.30
CA THR B 171 34.94 -23.70 17.30
C THR B 171 33.58 -24.35 17.49
N PHE B 172 33.56 -25.64 17.84
CA PHE B 172 32.28 -26.33 17.94
C PHE B 172 31.53 -25.90 19.21
N SER B 173 32.23 -25.74 20.33
CA SER B 173 31.58 -25.21 21.52
C SER B 173 31.10 -23.79 21.28
N THR B 174 31.85 -23.00 20.52
CA THR B 174 31.43 -21.65 20.20
C THR B 174 30.15 -21.67 19.37
N MET B 175 30.10 -22.51 18.35
CA MET B 175 28.88 -22.64 17.56
C MET B 175 27.70 -23.08 18.43
N LEU B 176 27.95 -24.00 19.36
CA LEU B 176 26.89 -24.47 20.25
C LEU B 176 26.34 -23.33 21.08
N LEU B 177 27.23 -22.56 21.73
CA LEU B 177 26.76 -21.46 22.58
C LEU B 177 26.08 -20.39 21.75
N TYR B 178 26.65 -20.05 20.59
CA TYR B 178 26.02 -19.10 19.68
C TYR B 178 24.59 -19.51 19.37
N SER B 179 24.40 -20.78 19.01
CA SER B 179 23.07 -21.27 18.66
C SER B 179 22.14 -21.19 19.87
N ILE B 180 22.58 -21.68 21.02
CA ILE B 180 21.73 -21.66 22.21
C ILE B 180 21.28 -20.24 22.51
N PHE B 181 22.22 -19.30 22.51
CA PHE B 181 21.91 -17.92 22.85
C PHE B 181 20.94 -17.32 21.84
N THR B 182 21.24 -17.47 20.54
CA THR B 182 20.38 -16.91 19.52
C THR B 182 18.97 -17.48 19.62
N ILE B 183 18.86 -18.76 19.96
CA ILE B 183 17.55 -19.39 20.09
C ILE B 183 16.79 -18.78 21.26
N LYS B 184 17.40 -18.81 22.44
CA LYS B 184 16.73 -18.31 23.63
C LYS B 184 16.41 -16.82 23.53
N THR B 185 17.10 -16.08 22.65
CA THR B 185 16.84 -14.67 22.50
C THR B 185 15.79 -14.36 21.43
N THR B 186 15.78 -15.11 20.32
CA THR B 186 14.73 -14.94 19.34
C THR B 186 13.38 -15.35 19.92
N ALA B 187 13.38 -16.38 20.77
CA ALA B 187 12.15 -16.76 21.45
C ALA B 187 11.58 -15.62 22.28
N TRP B 188 12.38 -14.60 22.59
CA TRP B 188 11.97 -13.48 23.41
C TRP B 188 11.77 -12.19 22.62
N ARG B 189 12.37 -12.08 21.43
CA ARG B 189 12.15 -10.95 20.55
C ARG B 189 10.95 -11.11 19.63
N THR B 190 10.55 -12.35 19.34
CA THR B 190 9.41 -12.57 18.46
C THR B 190 8.16 -11.88 18.99
N HIS B 191 8.03 -11.75 20.31
CA HIS B 191 6.86 -11.10 20.88
C HIS B 191 6.77 -9.64 20.44
N PHE B 192 7.87 -8.90 20.60
CA PHE B 192 7.88 -7.51 20.21
C PHE B 192 7.69 -7.36 18.72
N ARG B 193 8.30 -8.25 17.94
CA ARG B 193 8.10 -8.18 16.49
C ARG B 193 6.64 -8.37 16.12
N ARG B 194 5.97 -9.35 16.74
CA ARG B 194 4.55 -9.56 16.46
C ARG B 194 3.72 -8.35 16.84
N ASP B 195 3.99 -7.78 18.01
CA ASP B 195 3.23 -6.60 18.43
C ASP B 195 3.41 -5.45 17.45
N ALA B 196 4.64 -5.22 17.00
CA ALA B 196 4.88 -4.14 16.05
C ALA B 196 4.15 -4.37 14.74
N ASN B 197 4.17 -5.61 14.24
CA ASN B 197 3.46 -5.90 13.00
C ASN B 197 1.97 -5.65 13.15
N LYS B 198 1.38 -6.17 14.23
CA LYS B 198 -0.04 -5.94 14.49
C LYS B 198 -0.36 -4.47 14.50
N ALA B 199 0.44 -3.68 15.23
CA ALA B 199 0.13 -2.26 15.38
C ALA B 199 0.30 -1.51 14.07
N ASP B 200 1.30 -1.86 13.27
CA ASP B 200 1.47 -1.22 11.97
C ASP B 200 0.28 -1.51 11.07
N ASN B 201 -0.16 -2.76 11.04
CA ASN B 201 -1.32 -3.10 10.22
C ASN B 201 -2.56 -2.35 10.69
N LYS B 202 -2.74 -2.23 12.00
CA LYS B 202 -3.89 -1.51 12.54
C LYS B 202 -3.84 -0.04 12.14
N ALA B 203 -2.69 0.58 12.29
CA ALA B 203 -2.55 2.00 11.94
C ALA B 203 -2.83 2.23 10.47
N ALA B 204 -2.31 1.35 9.61
CA ALA B 204 -2.55 1.51 8.18
C ALA B 204 -4.02 1.30 7.85
N SER B 205 -4.66 0.32 8.48
CA SER B 205 -6.10 0.15 8.29
C SER B 205 -6.85 1.41 8.64
N VAL B 206 -6.48 2.05 9.74
CA VAL B 206 -7.16 3.28 10.15
C VAL B 206 -6.95 4.38 9.12
N ALA B 207 -5.70 4.61 8.75
CA ALA B 207 -5.40 5.66 7.77
C ALA B 207 -6.18 5.45 6.49
N LEU B 208 -6.24 4.20 6.01
CA LEU B 208 -6.93 3.91 4.76
C LEU B 208 -8.42 4.12 4.90
N ASP B 209 -9.05 3.46 5.88
CA ASP B 209 -10.48 3.58 6.07
C ASP B 209 -10.89 5.01 6.36
N SER B 210 -9.95 5.87 6.74
CA SER B 210 -10.25 7.28 6.95
C SER B 210 -10.10 8.10 5.69
N LEU B 211 -9.03 7.88 4.93
CA LEU B 211 -8.84 8.63 3.69
C LEU B 211 -9.89 8.29 2.66
N ILE B 212 -10.36 7.04 2.66
CA ILE B 212 -11.41 6.66 1.72
C ILE B 212 -12.68 7.46 1.98
N ASN B 213 -13.05 7.61 3.24
CA ASN B 213 -14.25 8.32 3.65
C ASN B 213 -13.94 9.74 4.11
N PHE B 214 -12.95 10.38 3.48
CA PHE B 214 -12.57 11.73 3.84
C PHE B 214 -13.78 12.65 3.89
N GLU B 215 -14.70 12.51 2.93
CA GLU B 215 -15.92 13.29 2.94
C GLU B 215 -16.70 13.03 4.22
N ALA B 216 -17.01 11.77 4.49
CA ALA B 216 -17.74 11.39 5.69
C ALA B 216 -16.95 11.62 6.97
N VAL B 217 -15.69 12.01 6.85
CA VAL B 217 -14.90 12.41 8.00
C VAL B 217 -15.03 13.89 8.28
N LYS B 218 -14.93 14.71 7.25
CA LYS B 218 -15.11 16.15 7.41
C LYS B 218 -16.57 16.53 7.60
N TYR B 219 -17.50 15.78 7.00
CA TYR B 219 -18.91 16.09 7.15
C TYR B 219 -19.38 16.00 8.59
N PHE B 220 -18.66 15.28 9.44
CA PHE B 220 -19.06 15.06 10.82
C PHE B 220 -18.00 15.51 11.82
N ASN B 221 -16.87 16.03 11.37
CA ASN B 221 -15.89 16.66 12.24
C ASN B 221 -15.25 15.66 13.20
N ASN B 222 -14.84 14.52 12.64
CA ASN B 222 -14.16 13.48 13.40
C ASN B 222 -12.73 13.28 12.91
N GLU B 223 -12.05 14.39 12.65
CA GLU B 223 -10.63 14.33 12.29
C GLU B 223 -9.78 13.98 13.51
N LYS B 224 -10.07 14.63 14.65
CA LYS B 224 -9.24 14.42 15.84
C LYS B 224 -9.40 13.02 16.40
N TYR B 225 -10.62 12.48 16.37
CA TYR B 225 -10.84 11.11 16.84
C TYR B 225 -9.97 10.13 16.08
N LEU B 226 -10.00 10.20 14.74
CA LEU B 226 -9.22 9.27 13.93
C LEU B 226 -7.73 9.54 14.06
N ALA B 227 -7.34 10.81 14.23
CA ALA B 227 -5.93 11.11 14.40
C ALA B 227 -5.41 10.55 15.72
N ASP B 228 -6.22 10.59 16.77
CA ASP B 228 -5.82 10.03 18.05
C ASP B 228 -5.77 8.51 17.99
N LYS B 229 -6.69 7.89 17.25
CA LYS B 229 -6.62 6.45 17.04
C LYS B 229 -5.33 6.06 16.32
N TYR B 230 -5.03 6.77 15.22
CA TYR B 230 -3.79 6.55 14.50
C TYR B 230 -2.59 6.75 15.41
N ASN B 231 -2.64 7.76 16.28
CA ASN B 231 -1.52 8.05 17.16
C ASN B 231 -1.35 6.95 18.20
N GLY B 232 -2.45 6.37 18.67
CA GLY B 232 -2.34 5.24 19.59
C GLY B 232 -1.69 4.04 18.93
N SER B 233 -2.15 3.69 17.74
CA SER B 233 -1.53 2.60 17.00
C SER B 233 -0.05 2.88 16.77
N LEU B 234 0.28 4.12 16.41
CA LEU B 234 1.65 4.49 16.14
C LEU B 234 2.51 4.44 17.39
N MET B 235 1.94 4.81 18.53
CA MET B 235 2.69 4.80 19.78
C MET B 235 2.88 3.39 20.31
N ASN B 236 2.02 2.45 19.92
CA ASN B 236 2.29 1.05 20.22
C ASN B 236 3.38 0.50 19.30
N TYR B 237 3.29 0.83 18.01
CA TYR B 237 4.33 0.41 17.06
C TYR B 237 5.69 0.98 17.45
N ARG B 238 5.70 2.21 17.95
CA ARG B 238 6.95 2.86 18.33
C ARG B 238 7.62 2.12 19.48
N ASP B 239 6.86 1.85 20.55
CA ASP B 239 7.42 1.14 21.69
C ASP B 239 7.87 -0.26 21.29
N SER B 240 7.08 -0.94 20.46
CA SER B 240 7.46 -2.30 20.06
C SER B 240 8.72 -2.30 19.22
N GLN B 241 8.84 -1.37 18.28
CA GLN B 241 10.03 -1.30 17.46
C GLN B 241 11.25 -0.93 18.29
N ILE B 242 11.08 -0.02 19.24
CA ILE B 242 12.16 0.33 20.15
C ILE B 242 12.63 -0.92 20.91
N LYS B 243 11.69 -1.69 21.43
CA LYS B 243 12.07 -2.86 22.21
C LYS B 243 12.75 -3.91 21.36
N VAL B 244 12.28 -4.12 20.13
CA VAL B 244 12.94 -5.11 19.28
C VAL B 244 14.32 -4.63 18.88
N SER B 245 14.51 -3.32 18.70
CA SER B 245 15.84 -2.82 18.36
C SER B 245 16.80 -2.98 19.53
N GLN B 246 16.34 -2.66 20.75
CA GLN B 246 17.17 -2.89 21.92
C GLN B 246 17.52 -4.37 22.07
N SER B 247 16.54 -5.24 21.86
CA SER B 247 16.78 -6.67 22.00
C SER B 247 17.76 -7.17 20.95
N LEU B 248 17.66 -6.64 19.73
CA LEU B 248 18.59 -7.01 18.68
C LEU B 248 20.00 -6.53 19.00
N ALA B 249 20.10 -5.35 19.61
CA ALA B 249 21.41 -4.87 20.05
C ALA B 249 22.01 -5.81 21.08
N PHE B 250 21.21 -6.22 22.06
CA PHE B 250 21.68 -7.18 23.05
C PHE B 250 22.10 -8.49 22.40
N LEU B 251 21.29 -8.97 21.46
CA LEU B 251 21.61 -10.20 20.74
C LEU B 251 22.96 -10.09 20.06
N ASN B 252 23.16 -9.06 19.24
CA ASN B 252 24.40 -8.93 18.49
C ASN B 252 25.59 -8.76 19.44
N SER B 253 25.41 -8.00 20.52
CA SER B 253 26.50 -7.82 21.47
C SER B 253 26.91 -9.15 22.08
N GLY B 254 25.94 -9.96 22.51
CA GLY B 254 26.28 -11.25 23.08
C GLY B 254 26.89 -12.19 22.07
N GLN B 255 26.36 -12.19 20.85
CA GLN B 255 26.94 -13.01 19.79
C GLN B 255 28.40 -12.67 19.57
N ASN B 256 28.69 -11.38 19.44
CA ASN B 256 30.08 -10.97 19.19
C ASN B 256 30.94 -11.19 20.42
N LEU B 257 30.36 -11.18 21.61
CA LEU B 257 31.15 -11.51 22.80
C LEU B 257 31.58 -12.96 22.78
N ILE B 258 30.65 -13.86 22.46
CA ILE B 258 31.01 -15.27 22.32
C ILE B 258 32.08 -15.43 21.25
N PHE B 259 31.85 -14.82 20.10
CA PHE B 259 32.80 -14.97 18.99
C PHE B 259 34.16 -14.41 19.34
N THR B 260 34.20 -13.30 20.08
CA THR B 260 35.47 -12.68 20.45
C THR B 260 36.20 -13.50 21.50
N THR B 261 35.47 -14.12 22.42
CA THR B 261 36.10 -15.05 23.34
C THR B 261 36.73 -16.21 22.58
N ALA B 262 36.01 -16.72 21.58
CA ALA B 262 36.58 -17.77 20.72
C ALA B 262 37.83 -17.28 20.03
N LEU B 263 37.79 -16.05 19.50
CA LEU B 263 38.92 -15.50 18.76
C LEU B 263 40.14 -15.35 19.66
N THR B 264 39.96 -14.84 20.87
CA THR B 264 41.09 -14.68 21.78
C THR B 264 41.60 -16.03 22.27
N ALA B 265 40.72 -17.00 22.48
CA ALA B 265 41.18 -18.33 22.84
C ALA B 265 42.00 -18.94 21.71
N MET B 266 41.59 -18.69 20.46
CA MET B 266 42.36 -19.17 19.33
C MET B 266 43.72 -18.49 19.27
N MET B 267 43.77 -17.18 19.53
CA MET B 267 45.05 -16.48 19.55
C MET B 267 45.95 -17.05 20.63
N TYR B 268 45.39 -17.35 21.80
CA TYR B 268 46.21 -17.88 22.90
C TYR B 268 46.71 -19.28 22.59
N MET B 269 45.85 -20.13 22.02
CA MET B 269 46.28 -21.48 21.65
C MET B 269 47.37 -21.42 20.59
N GLY B 270 47.18 -20.59 19.56
CA GLY B 270 48.21 -20.43 18.55
C GLY B 270 49.49 -19.87 19.12
N CYS B 271 49.41 -18.98 20.11
CA CYS B 271 50.61 -18.40 20.68
C CYS B 271 51.36 -19.42 21.52
N THR B 272 50.66 -20.20 22.35
CA THR B 272 51.32 -21.26 23.09
C THR B 272 51.76 -22.41 22.20
N GLY B 273 51.27 -22.46 20.96
CA GLY B 273 51.79 -23.40 19.98
C GLY B 273 53.07 -22.90 19.36
N VAL B 274 53.08 -21.63 18.98
CA VAL B 274 54.31 -20.99 18.53
C VAL B 274 55.39 -21.14 19.59
N ILE B 275 54.99 -21.02 20.86
CA ILE B 275 55.91 -21.28 21.96
C ILE B 275 56.53 -22.66 21.81
N GLY B 276 55.72 -23.66 21.52
CA GLY B 276 56.18 -25.02 21.34
C GLY B 276 56.93 -25.28 20.05
N GLY B 277 57.34 -24.23 19.34
CA GLY B 277 58.06 -24.40 18.10
C GLY B 277 57.31 -25.09 17.01
N ASN B 278 55.99 -25.22 17.13
CA ASN B 278 55.19 -25.91 16.12
C ASN B 278 54.68 -24.94 15.06
N LEU B 279 53.96 -23.91 15.48
CA LEU B 279 53.38 -22.94 14.55
C LEU B 279 54.33 -21.77 14.37
N THR B 280 53.86 -20.75 13.65
CA THR B 280 54.65 -19.55 13.39
C THR B 280 53.72 -18.35 13.34
N VAL B 281 54.30 -17.16 13.46
CA VAL B 281 53.51 -15.94 13.44
C VAL B 281 52.56 -15.93 12.25
N GLY B 282 53.00 -16.50 11.13
CA GLY B 282 52.12 -16.68 10.00
C GLY B 282 50.86 -17.42 10.36
N ASP B 283 50.97 -18.41 11.25
CA ASP B 283 49.80 -19.19 11.63
C ASP B 283 48.82 -18.36 12.44
N LEU B 284 49.33 -17.53 13.36
CA LEU B 284 48.45 -16.64 14.11
C LEU B 284 47.76 -15.67 13.16
N VAL B 285 48.51 -15.07 12.24
CA VAL B 285 47.91 -14.17 11.26
C VAL B 285 46.80 -14.89 10.51
N LEU B 286 47.08 -16.10 10.04
CA LEU B 286 46.11 -16.86 9.26
C LEU B 286 44.84 -17.13 10.06
N ILE B 287 45.00 -17.69 11.25
CA ILE B 287 43.85 -18.02 12.09
C ILE B 287 43.01 -16.76 12.34
N ASN B 288 43.66 -15.70 12.84
CA ASN B 288 42.92 -14.51 13.22
C ASN B 288 42.23 -13.88 12.02
N GLN B 289 42.89 -13.87 10.86
CA GLN B 289 42.30 -13.24 9.69
C GLN B 289 41.14 -14.05 9.15
N LEU B 290 41.30 -15.37 9.07
CA LEU B 290 40.19 -16.24 8.73
C LEU B 290 38.97 -15.91 9.58
N VAL B 291 39.16 -15.99 10.91
CA VAL B 291 38.03 -15.81 11.81
C VAL B 291 37.47 -14.40 11.75
N PHE B 292 38.32 -13.39 11.55
CA PHE B 292 37.86 -12.00 11.54
C PHE B 292 37.05 -11.69 10.29
N GLN B 293 37.53 -12.12 9.12
CA GLN B 293 36.80 -11.90 7.89
C GLN B 293 35.63 -12.87 7.74
N LEU B 294 35.54 -13.87 8.61
CA LEU B 294 34.31 -14.62 8.74
C LEU B 294 33.35 -13.96 9.74
N SER B 295 33.88 -13.17 10.67
CA SER B 295 33.06 -12.60 11.72
C SER B 295 32.35 -11.33 11.25
N VAL B 296 33.12 -10.31 10.88
CA VAL B 296 32.52 -9.00 10.62
C VAL B 296 31.43 -9.09 9.56
N PRO B 297 31.51 -9.94 8.53
CA PRO B 297 30.34 -10.12 7.67
C PRO B 297 29.14 -10.66 8.43
N LEU B 298 29.36 -11.65 9.30
CA LEU B 298 28.26 -12.21 10.08
C LEU B 298 27.59 -11.15 10.94
N ASN B 299 28.37 -10.41 11.71
CA ASN B 299 27.81 -9.39 12.58
C ASN B 299 27.07 -8.33 11.76
N PHE B 300 27.65 -7.91 10.63
CA PHE B 300 27.04 -6.81 9.89
C PHE B 300 25.77 -7.26 9.18
N LEU B 301 25.76 -8.48 8.63
CA LEU B 301 24.56 -8.99 8.00
C LEU B 301 23.49 -9.35 9.02
N GLY B 302 23.88 -9.60 10.27
CA GLY B 302 22.89 -9.85 11.30
C GLY B 302 22.25 -8.57 11.78
N SER B 303 23.06 -7.51 11.92
CA SER B 303 22.53 -6.22 12.33
C SER B 303 21.84 -5.47 11.20
N VAL B 304 22.09 -5.87 9.96
CA VAL B 304 21.46 -5.23 8.81
C VAL B 304 20.18 -5.94 8.42
N TYR B 305 20.19 -7.26 8.39
CA TYR B 305 18.99 -8.02 8.11
C TYR B 305 18.16 -8.16 9.39
N ARG B 306 17.86 -7.01 10.00
CA ARG B 306 16.99 -6.97 11.17
C ARG B 306 15.54 -7.26 10.81
N ASP B 307 15.20 -7.21 9.52
CA ASP B 307 13.85 -7.42 9.03
C ASP B 307 13.90 -8.53 8.00
N LEU B 308 13.91 -9.78 8.47
CA LEU B 308 13.87 -10.92 7.58
C LEU B 308 12.73 -11.87 7.92
N LYS B 309 12.42 -12.04 9.21
CA LYS B 309 11.28 -12.88 9.55
C LYS B 309 9.97 -12.20 9.15
N GLN B 310 9.89 -10.89 9.33
CA GLN B 310 8.74 -10.15 8.83
C GLN B 310 8.59 -10.34 7.32
N SER B 311 9.71 -10.43 6.61
CA SER B 311 9.64 -10.69 5.17
C SER B 311 9.05 -12.05 4.90
N LEU B 312 9.42 -13.05 5.69
CA LEU B 312 8.81 -14.38 5.54
C LEU B 312 7.31 -14.32 5.80
N ILE B 313 6.90 -13.56 6.81
CA ILE B 313 5.47 -13.44 7.10
C ILE B 313 4.74 -12.81 5.92
N ASP B 314 5.32 -11.76 5.35
CA ASP B 314 4.71 -11.10 4.20
C ASP B 314 4.61 -12.06 3.02
N MET B 315 5.70 -12.74 2.71
CA MET B 315 5.71 -13.68 1.59
C MET B 315 4.70 -14.79 1.81
N GLU B 316 4.51 -15.21 3.06
CA GLU B 316 3.55 -16.29 3.33
C GLU B 316 2.13 -15.80 3.22
N THR B 317 1.85 -14.56 3.63
CA THR B 317 0.53 -13.99 3.38
C THR B 317 0.24 -13.91 1.89
N LEU B 318 1.25 -13.54 1.10
CA LEU B 318 1.08 -13.50 -0.35
C LEU B 318 0.76 -14.88 -0.90
N PHE B 319 1.53 -15.89 -0.51
CA PHE B 319 1.27 -17.23 -1.00
C PHE B 319 -0.08 -17.75 -0.53
N LYS B 320 -0.53 -17.32 0.66
CA LYS B 320 -1.85 -17.71 1.12
C LYS B 320 -2.93 -17.10 0.23
N LEU B 321 -2.79 -15.82 -0.10
CA LEU B 321 -3.65 -15.24 -1.12
C LEU B 321 -3.65 -16.11 -2.37
N ARG B 322 -2.48 -16.59 -2.76
CA ARG B 322 -2.35 -17.37 -3.98
C ARG B 322 -2.89 -18.80 -3.82
N LYS B 323 -3.19 -19.24 -2.59
CA LYS B 323 -3.66 -20.59 -2.35
C LYS B 323 -4.97 -20.62 -1.57
N ASN B 324 -5.83 -19.63 -1.78
CA ASN B 324 -7.17 -19.67 -1.19
C ASN B 324 -8.04 -20.60 -2.01
N GLU B 325 -9.33 -20.63 -1.68
CA GLU B 325 -10.28 -21.54 -2.31
C GLU B 325 -11.17 -20.79 -3.27
N VAL B 326 -11.46 -21.40 -4.40
CA VAL B 326 -12.32 -20.83 -5.43
C VAL B 326 -13.65 -21.56 -5.36
N LYS B 327 -14.65 -20.91 -4.77
CA LYS B 327 -15.96 -21.55 -4.62
C LYS B 327 -16.69 -21.63 -5.95
N ILE B 328 -16.45 -20.68 -6.85
CA ILE B 328 -17.13 -20.61 -8.14
C ILE B 328 -16.13 -21.03 -9.20
N LYS B 329 -16.34 -22.21 -9.77
CA LYS B 329 -15.46 -22.74 -10.79
C LYS B 329 -16.27 -23.58 -11.76
N ASN B 330 -15.76 -23.70 -12.98
CA ASN B 330 -16.43 -24.48 -14.00
C ASN B 330 -16.54 -25.94 -13.56
N ALA B 331 -17.47 -26.65 -14.19
CA ALA B 331 -17.63 -28.07 -13.96
C ALA B 331 -16.52 -28.81 -14.72
N GLU B 332 -16.61 -30.14 -14.75
CA GLU B 332 -15.60 -30.92 -15.45
C GLU B 332 -15.82 -30.90 -16.96
N ARG B 333 -17.08 -31.02 -17.40
CA ARG B 333 -17.45 -30.97 -18.81
C ARG B 333 -18.37 -29.77 -19.00
N PRO B 334 -17.82 -28.56 -19.06
CA PRO B 334 -18.67 -27.37 -19.20
C PRO B 334 -19.23 -27.23 -20.61
N LEU B 335 -20.53 -27.00 -20.69
CA LEU B 335 -21.19 -26.76 -21.97
C LEU B 335 -20.93 -25.31 -22.39
N MET B 336 -21.59 -24.88 -23.46
CA MET B 336 -21.57 -23.50 -23.90
C MET B 336 -22.98 -23.12 -24.33
N LEU B 337 -23.31 -21.85 -24.13
CA LEU B 337 -24.67 -21.40 -24.33
C LEU B 337 -25.06 -21.53 -25.80
N PRO B 338 -26.37 -21.64 -26.08
CA PRO B 338 -26.84 -21.69 -27.47
C PRO B 338 -26.28 -20.56 -28.31
N GLU B 339 -26.54 -20.61 -29.62
CA GLU B 339 -25.92 -19.64 -30.53
C GLU B 339 -26.79 -18.39 -30.71
N ASN B 340 -27.97 -18.57 -31.31
CA ASN B 340 -28.87 -17.45 -31.61
C ASN B 340 -30.28 -17.79 -31.11
N VAL B 341 -30.53 -17.48 -29.84
CA VAL B 341 -31.86 -17.68 -29.24
C VAL B 341 -32.02 -16.72 -28.07
N PRO B 342 -33.23 -16.29 -27.73
CA PRO B 342 -33.41 -15.50 -26.51
C PRO B 342 -33.36 -16.39 -25.28
N TYR B 343 -32.75 -15.88 -24.22
CA TYR B 343 -32.50 -16.68 -23.03
C TYR B 343 -33.62 -16.49 -22.01
N ASP B 344 -33.79 -17.52 -21.17
CA ASP B 344 -34.91 -17.62 -20.24
C ASP B 344 -34.38 -18.12 -18.90
N ILE B 345 -34.34 -17.26 -17.91
CA ILE B 345 -33.85 -17.64 -16.59
C ILE B 345 -35.02 -18.20 -15.78
N THR B 346 -34.70 -19.12 -14.86
CA THR B 346 -35.73 -19.77 -14.08
C THR B 346 -35.15 -20.16 -12.73
N PHE B 347 -35.69 -19.57 -11.67
CA PHE B 347 -35.31 -19.95 -10.31
C PHE B 347 -36.25 -21.04 -9.84
N GLU B 348 -35.68 -22.17 -9.42
CA GLU B 348 -36.44 -23.34 -8.99
C GLU B 348 -36.08 -23.65 -7.53
N ASN B 349 -36.99 -23.34 -6.62
CA ASN B 349 -36.86 -23.63 -5.20
C ASN B 349 -35.46 -23.31 -4.70
N VAL B 350 -35.08 -22.07 -4.90
CA VAL B 350 -33.76 -21.59 -4.48
C VAL B 350 -33.83 -21.08 -3.05
N THR B 351 -32.68 -21.11 -2.38
CA THR B 351 -32.58 -20.72 -0.98
C THR B 351 -31.13 -20.33 -0.74
N PHE B 352 -30.90 -19.06 -0.41
CA PHE B 352 -29.57 -18.51 -0.40
C PHE B 352 -29.38 -17.56 0.78
N GLY B 353 -28.16 -17.55 1.29
CA GLY B 353 -27.76 -16.64 2.34
C GLY B 353 -26.30 -16.30 2.24
N TYR B 354 -25.98 -15.00 2.24
CA TYR B 354 -24.58 -14.61 2.09
C TYR B 354 -23.74 -15.18 3.22
N HIS B 355 -24.35 -15.45 4.37
CA HIS B 355 -23.71 -16.11 5.48
C HIS B 355 -24.62 -17.22 6.00
N PRO B 356 -24.07 -18.25 6.61
CA PRO B 356 -24.88 -19.42 6.96
C PRO B 356 -25.94 -19.14 8.01
N ASP B 357 -25.91 -17.99 8.65
CA ASP B 357 -26.80 -17.70 9.76
C ASP B 357 -28.07 -16.95 9.35
N ARG B 358 -28.16 -16.51 8.10
CA ARG B 358 -29.33 -15.79 7.62
C ARG B 358 -29.66 -16.23 6.20
N LYS B 359 -30.95 -16.26 5.89
CA LYS B 359 -31.45 -16.68 4.58
C LYS B 359 -32.16 -15.49 3.94
N ILE B 360 -31.54 -14.93 2.91
CA ILE B 360 -32.15 -13.80 2.22
C ILE B 360 -33.26 -14.26 1.28
N LEU B 361 -33.14 -15.44 0.72
CA LEU B 361 -34.14 -16.02 -0.16
C LEU B 361 -34.66 -17.30 0.48
N LYS B 362 -35.96 -17.36 0.74
CA LYS B 362 -36.60 -18.48 1.40
C LYS B 362 -37.49 -19.19 0.36
N ASN B 363 -36.90 -20.13 -0.37
CA ASN B 363 -37.63 -20.94 -1.33
C ASN B 363 -38.29 -20.07 -2.40
N ALA B 364 -37.45 -19.34 -3.13
CA ALA B 364 -37.89 -18.50 -4.23
C ALA B 364 -37.97 -19.32 -5.51
N SER B 365 -39.03 -19.10 -6.26
CA SER B 365 -39.25 -19.81 -7.52
C SER B 365 -40.00 -18.90 -8.47
N PHE B 366 -39.42 -18.66 -9.65
CA PHE B 366 -40.06 -17.80 -10.63
C PHE B 366 -39.36 -17.99 -11.97
N THR B 367 -39.83 -17.24 -12.97
CA THR B 367 -39.40 -17.44 -14.35
C THR B 367 -39.24 -16.08 -15.02
N ILE B 368 -38.00 -15.71 -15.32
CA ILE B 368 -37.71 -14.53 -16.13
C ILE B 368 -37.74 -14.98 -17.59
N PRO B 369 -38.79 -14.66 -18.35
CA PRO B 369 -38.94 -15.24 -19.68
C PRO B 369 -37.99 -14.62 -20.70
N ALA B 370 -38.12 -15.06 -21.95
CA ALA B 370 -37.21 -14.67 -23.01
C ALA B 370 -37.87 -13.65 -23.95
N GLY B 371 -37.11 -12.64 -24.32
CA GLY B 371 -37.60 -11.60 -25.21
C GLY B 371 -38.52 -10.60 -24.57
N TRP B 372 -38.81 -10.74 -23.28
CA TRP B 372 -39.72 -9.86 -22.57
C TRP B 372 -38.93 -8.94 -21.64
N LYS B 373 -39.63 -7.95 -21.11
CA LYS B 373 -39.07 -6.97 -20.18
C LYS B 373 -39.76 -7.18 -18.83
N THR B 374 -39.13 -7.91 -17.94
CA THR B 374 -39.65 -8.09 -16.60
C THR B 374 -39.06 -7.05 -15.66
N ALA B 375 -39.74 -6.85 -14.54
CA ALA B 375 -39.37 -5.81 -13.58
C ALA B 375 -39.54 -6.34 -12.18
N ILE B 376 -38.47 -6.34 -11.41
CA ILE B 376 -38.47 -6.84 -10.04
C ILE B 376 -38.68 -5.67 -9.09
N VAL B 377 -39.54 -5.85 -8.10
CA VAL B 377 -39.84 -4.83 -7.12
C VAL B 377 -40.05 -5.49 -5.76
N GLY B 378 -40.05 -4.65 -4.73
CA GLY B 378 -40.24 -5.12 -3.37
C GLY B 378 -39.56 -4.19 -2.39
N SER B 379 -39.77 -4.48 -1.11
CA SER B 379 -39.17 -3.68 -0.07
C SER B 379 -37.64 -3.72 -0.18
N SER B 380 -36.99 -2.82 0.55
CA SER B 380 -35.54 -2.83 0.63
C SER B 380 -35.07 -3.98 1.51
N GLY B 381 -33.85 -4.44 1.27
CA GLY B 381 -33.35 -5.60 1.97
C GLY B 381 -34.14 -6.85 1.68
N SER B 382 -34.79 -6.91 0.53
CA SER B 382 -35.71 -7.99 0.20
C SER B 382 -35.11 -9.04 -0.74
N GLY B 383 -33.92 -8.82 -1.27
CA GLY B 383 -33.28 -9.81 -2.10
C GLY B 383 -33.53 -9.64 -3.58
N LYS B 384 -33.27 -8.44 -4.10
CA LYS B 384 -33.37 -8.18 -5.54
C LYS B 384 -32.01 -8.25 -6.21
N SER B 385 -31.06 -7.45 -5.75
CA SER B 385 -29.70 -7.54 -6.28
C SER B 385 -29.06 -8.89 -5.96
N THR B 386 -29.57 -9.59 -4.95
CA THR B 386 -29.09 -10.94 -4.67
C THR B 386 -29.37 -11.87 -5.85
N ILE B 387 -30.57 -11.78 -6.40
CA ILE B 387 -30.90 -12.50 -7.63
C ILE B 387 -29.92 -12.13 -8.73
N LEU B 388 -29.68 -10.83 -8.87
CA LEU B 388 -28.84 -10.32 -9.94
C LEU B 388 -27.41 -10.81 -9.81
N LYS B 389 -26.97 -11.12 -8.61
CA LYS B 389 -25.64 -11.67 -8.39
C LYS B 389 -25.63 -13.18 -8.37
N LEU B 390 -26.79 -13.82 -8.27
CA LEU B 390 -26.87 -15.27 -8.43
C LEU B 390 -26.81 -15.66 -9.90
N VAL B 391 -27.65 -15.01 -10.73
CA VAL B 391 -27.68 -15.35 -12.14
C VAL B 391 -26.30 -15.17 -12.75
N PHE B 392 -25.65 -14.05 -12.45
CA PHE B 392 -24.27 -13.80 -12.86
C PHE B 392 -23.28 -14.75 -12.20
N ARG B 393 -23.75 -15.57 -11.28
CA ARG B 393 -22.94 -16.63 -10.66
C ARG B 393 -21.73 -16.03 -9.93
N PHE B 394 -22.00 -15.07 -9.05
CA PHE B 394 -21.00 -14.64 -8.07
C PHE B 394 -21.04 -15.55 -6.85
N TYR B 395 -22.24 -15.86 -6.38
CA TYR B 395 -22.47 -16.86 -5.35
C TYR B 395 -23.32 -17.97 -5.94
N ASP B 396 -23.32 -19.11 -5.26
CA ASP B 396 -24.15 -20.23 -5.65
C ASP B 396 -25.07 -20.61 -4.50
N PRO B 397 -26.33 -20.91 -4.76
CA PRO B 397 -27.26 -21.18 -3.68
C PRO B 397 -26.92 -22.47 -2.95
N GLU B 398 -27.44 -22.58 -1.73
CA GLU B 398 -27.29 -23.76 -0.91
C GLU B 398 -28.32 -24.83 -1.21
N SER B 399 -29.43 -24.46 -1.85
CA SER B 399 -30.48 -25.42 -2.17
C SER B 399 -31.36 -24.82 -3.25
N GLY B 400 -31.48 -25.51 -4.37
CA GLY B 400 -32.28 -25.07 -5.50
C GLY B 400 -31.44 -24.91 -6.74
N ARG B 401 -32.11 -24.52 -7.82
CA ARG B 401 -31.49 -24.49 -9.13
C ARG B 401 -31.77 -23.16 -9.83
N ILE B 402 -30.84 -22.77 -10.68
CA ILE B 402 -30.98 -21.62 -11.57
C ILE B 402 -30.77 -22.13 -12.98
N LEU B 403 -31.84 -22.12 -13.77
CA LEU B 403 -31.85 -22.69 -15.10
C LEU B 403 -31.81 -21.58 -16.16
N ILE B 404 -31.08 -21.84 -17.24
CA ILE B 404 -31.08 -21.00 -18.42
C ILE B 404 -31.35 -21.92 -19.61
N ASN B 405 -32.51 -21.74 -20.24
CA ASN B 405 -32.93 -22.59 -21.35
C ASN B 405 -33.05 -24.05 -20.92
N GLY B 406 -33.30 -24.28 -19.64
CA GLY B 406 -33.50 -25.61 -19.12
C GLY B 406 -32.27 -26.29 -18.57
N ARG B 407 -31.13 -25.62 -18.54
CA ARG B 407 -29.88 -26.20 -18.05
C ARG B 407 -29.36 -25.38 -16.89
N ASP B 408 -29.01 -26.06 -15.79
CA ASP B 408 -28.44 -25.37 -14.65
C ASP B 408 -27.19 -24.61 -15.06
N ILE B 409 -27.01 -23.42 -14.48
CA ILE B 409 -25.91 -22.54 -14.86
C ILE B 409 -24.60 -23.08 -14.34
N LYS B 410 -24.65 -24.18 -13.59
CA LYS B 410 -23.42 -24.86 -13.19
C LYS B 410 -22.86 -25.74 -14.30
N GLU B 411 -23.70 -26.13 -15.26
CA GLU B 411 -23.27 -26.89 -16.42
C GLU B 411 -22.81 -26.00 -17.57
N TYR B 412 -22.40 -24.77 -17.28
CA TYR B 412 -21.98 -23.82 -18.29
C TYR B 412 -20.66 -23.19 -17.88
N ASP B 413 -19.90 -22.77 -18.88
CA ASP B 413 -18.65 -22.06 -18.64
C ASP B 413 -18.97 -20.69 -18.08
N ILE B 414 -18.50 -20.41 -16.86
CA ILE B 414 -18.81 -19.14 -16.22
C ILE B 414 -18.45 -17.98 -17.13
N ASP B 415 -17.34 -18.10 -17.85
CA ASP B 415 -16.89 -17.02 -18.71
C ASP B 415 -17.71 -16.90 -19.99
N ALA B 416 -18.46 -17.94 -20.35
CA ALA B 416 -19.41 -17.86 -21.44
C ALA B 416 -20.78 -17.38 -20.99
N LEU B 417 -21.11 -17.59 -19.72
CA LEU B 417 -22.35 -17.10 -19.17
C LEU B 417 -22.26 -15.61 -18.85
N ARG B 418 -21.14 -15.19 -18.28
CA ARG B 418 -20.88 -13.80 -17.96
C ARG B 418 -20.59 -12.96 -19.18
N LYS B 419 -20.72 -13.49 -20.39
CA LYS B 419 -20.50 -12.72 -21.60
C LYS B 419 -21.78 -12.44 -22.37
N VAL B 420 -22.89 -13.05 -21.99
CA VAL B 420 -24.20 -12.74 -22.55
C VAL B 420 -25.05 -11.95 -21.57
N ILE B 421 -24.53 -11.65 -20.39
CA ILE B 421 -25.27 -10.95 -19.34
C ILE B 421 -24.58 -9.62 -19.09
N GLY B 422 -25.34 -8.55 -19.23
CA GLY B 422 -24.82 -7.21 -19.02
C GLY B 422 -25.55 -6.49 -17.91
N VAL B 423 -24.81 -6.00 -16.93
CA VAL B 423 -25.39 -5.47 -15.70
C VAL B 423 -25.08 -3.98 -15.59
N VAL B 424 -26.06 -3.24 -15.11
CA VAL B 424 -25.89 -1.86 -14.67
C VAL B 424 -26.07 -1.87 -13.15
N PRO B 425 -25.00 -1.97 -12.37
CA PRO B 425 -25.16 -2.23 -10.94
C PRO B 425 -25.68 -1.02 -10.18
N GLN B 426 -25.97 -1.26 -8.90
CA GLN B 426 -26.40 -0.19 -8.01
C GLN B 426 -25.27 0.81 -7.79
N ASP B 427 -24.13 0.33 -7.30
CA ASP B 427 -22.95 1.16 -7.13
C ASP B 427 -22.07 1.03 -8.37
N THR B 428 -21.70 2.16 -8.95
CA THR B 428 -20.96 2.19 -10.22
C THR B 428 -19.62 2.88 -9.99
N PRO B 429 -18.66 2.19 -9.38
CA PRO B 429 -17.31 2.74 -9.25
C PRO B 429 -16.56 2.61 -10.56
N LEU B 430 -16.20 3.76 -11.14
CA LEU B 430 -15.48 3.79 -12.39
C LEU B 430 -13.97 3.72 -12.14
N PHE B 431 -13.20 3.99 -13.18
CA PHE B 431 -11.75 4.03 -13.10
C PHE B 431 -11.29 5.47 -12.97
N ASN B 432 -9.98 5.65 -12.82
CA ASN B 432 -9.37 6.97 -12.69
C ASN B 432 -8.79 7.44 -14.00
N ASP B 433 -9.43 7.12 -15.12
CA ASP B 433 -8.91 7.53 -16.41
C ASP B 433 -10.06 8.12 -17.24
N THR B 434 -9.82 8.42 -18.50
CA THR B 434 -10.75 9.21 -19.28
C THR B 434 -12.11 8.54 -19.36
N ILE B 435 -13.10 9.34 -19.76
CA ILE B 435 -14.42 8.80 -20.09
C ILE B 435 -14.31 7.82 -21.24
N TRP B 436 -13.32 7.99 -22.10
CA TRP B 436 -13.20 7.15 -23.28
C TRP B 436 -12.97 5.69 -22.90
N GLU B 437 -11.93 5.43 -22.11
CA GLU B 437 -11.61 4.06 -21.77
C GLU B 437 -12.57 3.49 -20.73
N ASN B 438 -13.44 4.31 -20.15
CA ASN B 438 -14.47 3.81 -19.25
C ASN B 438 -15.75 3.47 -19.97
N VAL B 439 -16.03 4.13 -21.10
CA VAL B 439 -17.10 3.69 -21.97
C VAL B 439 -16.65 2.55 -22.87
N LYS B 440 -15.35 2.44 -23.13
CA LYS B 440 -14.79 1.38 -23.94
C LYS B 440 -14.32 0.19 -23.11
N PHE B 441 -14.86 0.05 -21.90
CA PHE B 441 -14.55 -1.10 -21.07
C PHE B 441 -15.51 -2.26 -21.28
N GLY B 442 -16.65 -2.01 -21.91
CA GLY B 442 -17.57 -3.07 -22.27
C GLY B 442 -17.00 -3.95 -23.36
N ARG B 443 -16.79 -3.38 -24.53
CA ARG B 443 -16.17 -4.07 -25.66
C ARG B 443 -14.86 -3.35 -25.98
N ILE B 444 -13.76 -3.88 -25.43
CA ILE B 444 -12.44 -3.36 -25.76
C ILE B 444 -12.22 -3.38 -27.26
N ASP B 445 -12.67 -4.45 -27.92
CA ASP B 445 -12.49 -4.63 -29.36
C ASP B 445 -13.63 -3.94 -30.12
N ALA B 446 -13.78 -2.65 -29.85
CA ALA B 446 -14.86 -1.85 -30.42
C ALA B 446 -14.28 -0.70 -31.23
N THR B 447 -14.91 -0.43 -32.37
CA THR B 447 -14.52 0.72 -33.18
C THR B 447 -15.07 1.99 -32.55
N ASP B 448 -14.28 3.06 -32.61
CA ASP B 448 -14.61 4.27 -31.87
C ASP B 448 -15.98 4.81 -32.23
N GLU B 449 -16.44 4.56 -33.45
CA GLU B 449 -17.75 5.04 -33.87
C GLU B 449 -18.86 4.45 -32.99
N GLU B 450 -18.71 3.19 -32.59
CA GLU B 450 -19.70 2.58 -31.72
C GLU B 450 -19.70 3.24 -30.34
N VAL B 451 -18.52 3.50 -29.79
CA VAL B 451 -18.43 4.25 -28.55
C VAL B 451 -19.19 5.56 -28.67
N ILE B 452 -18.95 6.27 -29.77
CA ILE B 452 -19.58 7.57 -29.96
C ILE B 452 -21.08 7.45 -30.03
N THR B 453 -21.59 6.44 -30.76
CA THR B 453 -23.02 6.36 -30.97
C THR B 453 -23.74 5.92 -29.70
N VAL B 454 -23.12 5.04 -28.91
CA VAL B 454 -23.75 4.66 -27.65
C VAL B 454 -23.71 5.81 -26.65
N VAL B 455 -22.60 6.57 -26.66
CA VAL B 455 -22.56 7.78 -25.85
C VAL B 455 -23.69 8.72 -26.24
N GLU B 456 -23.94 8.86 -27.54
CA GLU B 456 -25.04 9.71 -27.99
C GLU B 456 -26.39 9.12 -27.58
N LYS B 457 -26.48 7.81 -27.46
CA LYS B 457 -27.74 7.17 -27.06
C LYS B 457 -27.94 7.19 -25.55
N ALA B 458 -26.86 7.23 -24.78
CA ALA B 458 -26.93 7.32 -23.33
C ALA B 458 -27.12 8.76 -22.84
N GLN B 459 -27.44 9.68 -23.74
CA GLN B 459 -27.66 11.08 -23.38
C GLN B 459 -26.45 11.65 -22.67
N LEU B 460 -25.29 11.56 -23.34
CA LEU B 460 -24.04 12.07 -22.81
C LEU B 460 -23.36 13.06 -23.75
N ALA B 461 -23.91 13.33 -24.91
CA ALA B 461 -23.28 14.21 -25.87
C ALA B 461 -23.23 15.64 -25.34
N PRO B 462 -24.30 16.14 -24.73
CA PRO B 462 -24.23 17.50 -24.17
C PRO B 462 -23.08 17.67 -23.19
N LEU B 463 -22.95 16.76 -22.24
CA LEU B 463 -21.83 16.84 -21.30
C LEU B 463 -20.50 16.83 -22.03
N ILE B 464 -20.39 15.98 -23.07
CA ILE B 464 -19.13 15.87 -23.78
C ILE B 464 -18.81 17.16 -24.52
N LYS B 465 -19.84 17.91 -24.92
CA LYS B 465 -19.61 19.19 -25.58
C LYS B 465 -19.25 20.27 -24.57
N LYS B 466 -19.89 20.24 -23.39
CA LYS B 466 -19.61 21.26 -22.38
C LYS B 466 -18.19 21.15 -21.86
N LEU B 467 -17.78 19.94 -21.48
CA LEU B 467 -16.43 19.77 -20.97
C LEU B 467 -15.42 20.19 -22.03
N PRO B 468 -14.35 20.89 -21.64
CA PRO B 468 -13.36 21.33 -22.63
C PRO B 468 -12.40 20.26 -23.09
N GLN B 469 -12.25 19.18 -22.31
CA GLN B 469 -11.41 18.05 -22.68
C GLN B 469 -12.25 16.83 -23.01
N GLY B 470 -13.38 17.05 -23.70
CA GLY B 470 -14.31 16.00 -24.04
C GLY B 470 -13.66 14.70 -24.43
N PHE B 471 -14.15 13.60 -23.87
CA PHE B 471 -13.65 12.24 -24.08
C PHE B 471 -12.25 12.05 -23.53
N ASP B 472 -11.72 13.03 -22.80
CA ASP B 472 -10.44 12.90 -22.11
C ASP B 472 -10.51 13.35 -20.67
N THR B 473 -11.67 13.79 -20.20
CA THR B 473 -11.81 14.26 -18.82
C THR B 473 -11.58 13.13 -17.84
N ILE B 474 -10.54 13.26 -17.02
CA ILE B 474 -10.31 12.32 -15.94
C ILE B 474 -11.48 12.38 -14.97
N VAL B 475 -11.91 11.23 -14.48
CA VAL B 475 -13.05 11.12 -13.59
C VAL B 475 -12.62 10.71 -12.18
N GLY B 476 -11.37 10.98 -11.82
CA GLY B 476 -10.92 10.86 -10.46
C GLY B 476 -11.15 9.52 -9.79
N GLU B 477 -11.07 9.51 -8.47
CA GLU B 477 -11.18 8.29 -7.68
C GLU B 477 -12.58 7.70 -7.84
N ARG B 478 -12.67 6.53 -8.44
CA ARG B 478 -13.92 5.82 -8.65
C ARG B 478 -15.07 6.74 -9.03
N GLY B 479 -14.79 7.71 -9.91
CA GLY B 479 -15.84 8.46 -10.55
C GLY B 479 -16.36 9.64 -9.77
N LEU B 480 -15.65 10.08 -8.75
CA LEU B 480 -16.13 11.17 -7.91
C LEU B 480 -15.96 12.54 -8.55
N MET B 481 -15.20 12.65 -9.64
CA MET B 481 -14.99 13.91 -10.31
C MET B 481 -16.05 14.20 -11.37
N ILE B 482 -17.19 13.52 -11.31
CA ILE B 482 -18.35 13.83 -12.13
C ILE B 482 -19.60 13.56 -11.31
N SER B 483 -20.76 13.80 -11.92
CA SER B 483 -22.03 13.70 -11.24
C SER B 483 -22.33 12.24 -10.91
N GLY B 484 -23.50 12.03 -10.32
CA GLY B 484 -23.97 10.69 -10.02
C GLY B 484 -24.85 10.16 -11.13
N GLY B 485 -25.52 11.08 -11.84
CA GLY B 485 -26.26 10.68 -13.03
C GLY B 485 -25.33 10.33 -14.18
N GLU B 486 -24.23 11.08 -14.31
CA GLU B 486 -23.28 10.80 -15.38
C GLU B 486 -22.62 9.45 -15.20
N LYS B 487 -22.39 9.02 -13.96
CA LYS B 487 -21.87 7.68 -13.74
C LYS B 487 -22.86 6.62 -14.19
N GLN B 488 -24.13 6.79 -13.82
CA GLN B 488 -25.16 5.87 -14.28
C GLN B 488 -25.21 5.81 -15.79
N ARG B 489 -25.06 6.95 -16.45
CA ARG B 489 -25.13 6.97 -17.90
C ARG B 489 -23.90 6.35 -18.53
N LEU B 490 -22.72 6.53 -17.93
CA LEU B 490 -21.53 5.85 -18.40
C LEU B 490 -21.70 4.34 -18.29
N ALA B 491 -22.29 3.87 -17.20
CA ALA B 491 -22.49 2.43 -17.05
C ALA B 491 -23.50 1.90 -18.06
N ILE B 492 -24.59 2.63 -18.27
CA ILE B 492 -25.55 2.24 -19.28
C ILE B 492 -24.89 2.20 -20.65
N ALA B 493 -23.94 3.10 -20.90
CA ALA B 493 -23.23 3.09 -22.17
C ALA B 493 -22.34 1.86 -22.30
N ARG B 494 -21.58 1.57 -21.25
CA ARG B 494 -20.83 0.31 -21.21
C ARG B 494 -21.72 -0.86 -21.59
N VAL B 495 -22.91 -0.91 -21.01
CA VAL B 495 -23.79 -2.06 -21.20
C VAL B 495 -24.34 -2.08 -22.62
N LEU B 496 -24.69 -0.92 -23.17
CA LEU B 496 -25.13 -0.87 -24.55
C LEU B 496 -24.01 -1.25 -25.50
N LEU B 497 -22.77 -1.08 -25.07
CA LEU B 497 -21.63 -1.43 -25.90
C LEU B 497 -21.39 -2.94 -25.89
N LYS B 498 -21.45 -3.54 -24.70
CA LYS B 498 -21.33 -4.99 -24.60
C LYS B 498 -22.29 -5.70 -25.54
N ASN B 499 -23.43 -5.07 -25.84
CA ASN B 499 -24.41 -5.61 -26.77
C ASN B 499 -24.77 -7.04 -26.40
N ALA B 500 -25.15 -7.23 -25.14
CA ALA B 500 -25.45 -8.55 -24.62
C ALA B 500 -26.92 -8.89 -24.88
N ARG B 501 -27.37 -10.00 -24.32
CA ARG B 501 -28.73 -10.50 -24.50
C ARG B 501 -29.59 -10.36 -23.27
N ILE B 502 -29.04 -10.65 -22.08
CA ILE B 502 -29.77 -10.52 -20.83
C ILE B 502 -29.25 -9.26 -20.13
N MET B 503 -30.11 -8.25 -20.03
CA MET B 503 -29.73 -6.95 -19.51
C MET B 503 -30.36 -6.75 -18.14
N PHE B 504 -29.53 -6.69 -17.11
CA PHE B 504 -29.96 -6.35 -15.76
C PHE B 504 -29.70 -4.88 -15.52
N PHE B 505 -30.71 -4.16 -14.98
CA PHE B 505 -30.59 -2.74 -14.67
C PHE B 505 -30.96 -2.57 -13.20
N ASP B 506 -29.96 -2.59 -12.32
CA ASP B 506 -30.20 -2.45 -10.88
C ASP B 506 -30.25 -0.96 -10.55
N GLU B 507 -31.43 -0.37 -10.75
CA GLU B 507 -31.69 1.03 -10.43
C GLU B 507 -30.70 1.94 -11.17
N ALA B 508 -30.82 1.91 -12.49
CA ALA B 508 -30.00 2.70 -13.38
C ALA B 508 -30.57 4.09 -13.64
N THR B 509 -31.63 4.47 -12.93
CA THR B 509 -32.27 5.76 -13.12
C THR B 509 -32.58 6.42 -11.77
N SER B 510 -31.77 6.13 -10.77
CA SER B 510 -32.01 6.67 -9.43
C SER B 510 -31.48 8.08 -9.26
N ALA B 511 -30.50 8.48 -10.06
CA ALA B 511 -29.92 9.81 -10.00
C ALA B 511 -30.27 10.67 -11.20
N LEU B 512 -31.05 10.15 -12.14
CA LEU B 512 -31.42 10.87 -13.35
C LEU B 512 -32.78 11.54 -13.17
N ASP B 513 -32.91 12.73 -13.74
CA ASP B 513 -34.19 13.42 -13.72
C ASP B 513 -35.19 12.69 -14.63
N THR B 514 -36.45 13.07 -14.48
CA THR B 514 -37.51 12.40 -15.23
C THR B 514 -37.32 12.57 -16.73
N HIS B 515 -36.89 13.75 -17.17
CA HIS B 515 -36.68 13.99 -18.59
C HIS B 515 -35.61 13.05 -19.15
N THR B 516 -34.40 13.11 -18.59
CA THR B 516 -33.34 12.23 -19.03
C THR B 516 -33.74 10.77 -18.86
N GLU B 517 -34.46 10.45 -17.80
CA GLU B 517 -34.84 9.07 -17.53
C GLU B 517 -35.73 8.52 -18.65
N GLN B 518 -36.81 9.23 -18.98
CA GLN B 518 -37.71 8.74 -20.00
C GLN B 518 -37.04 8.74 -21.36
N ALA B 519 -36.25 9.78 -21.67
CA ALA B 519 -35.53 9.79 -22.94
C ALA B 519 -34.61 8.58 -23.05
N LEU B 520 -33.94 8.23 -21.96
CA LEU B 520 -32.99 7.13 -21.99
C LEU B 520 -33.70 5.79 -22.12
N LEU B 521 -34.79 5.59 -21.37
CA LEU B 521 -35.52 4.34 -21.49
C LEU B 521 -36.11 4.19 -22.89
N ARG B 522 -36.56 5.29 -23.49
CA ARG B 522 -37.06 5.24 -24.85
C ARG B 522 -35.94 4.86 -25.82
N THR B 523 -34.80 5.52 -25.72
CA THR B 523 -33.67 5.20 -26.57
C THR B 523 -33.25 3.74 -26.41
N ILE B 524 -33.42 3.18 -25.22
CA ILE B 524 -32.99 1.80 -24.97
C ILE B 524 -33.98 0.83 -25.59
N ARG B 525 -35.25 0.89 -25.16
CA ARG B 525 -36.24 -0.05 -25.66
C ARG B 525 -36.44 0.06 -27.17
N ASP B 526 -35.93 1.11 -27.80
CA ASP B 526 -36.03 1.30 -29.24
C ASP B 526 -34.74 0.96 -29.97
N ASN B 527 -33.71 0.54 -29.24
CA ASN B 527 -32.43 0.18 -29.84
C ASN B 527 -32.40 -1.27 -30.29
N PHE B 528 -33.02 -2.16 -29.52
CA PHE B 528 -33.03 -3.58 -29.81
C PHE B 528 -34.39 -4.01 -30.37
N THR B 529 -34.39 -5.14 -31.06
CA THR B 529 -35.64 -5.68 -31.57
C THR B 529 -36.54 -6.06 -30.40
N SER B 530 -37.82 -6.27 -30.72
CA SER B 530 -38.83 -6.50 -29.69
C SER B 530 -38.80 -7.90 -29.10
N GLY B 531 -37.88 -8.76 -29.56
CA GLY B 531 -37.84 -10.12 -29.06
C GLY B 531 -36.44 -10.70 -28.92
N SER B 532 -35.44 -9.82 -28.99
CA SER B 532 -34.04 -10.24 -28.91
C SER B 532 -33.56 -10.30 -27.46
N ARG B 533 -33.63 -9.18 -26.76
CA ARG B 533 -33.05 -9.05 -25.43
C ARG B 533 -34.07 -9.38 -24.35
N THR B 534 -33.56 -9.87 -23.23
CA THR B 534 -34.34 -10.17 -22.04
C THR B 534 -33.91 -9.19 -20.95
N SER B 535 -34.79 -8.29 -20.57
CA SER B 535 -34.47 -7.20 -19.66
C SER B 535 -35.09 -7.43 -18.30
N VAL B 536 -34.33 -7.10 -17.26
CA VAL B 536 -34.79 -7.20 -15.87
C VAL B 536 -34.44 -5.88 -15.18
N TYR B 537 -35.45 -5.11 -14.84
CA TYR B 537 -35.28 -3.81 -14.22
C TYR B 537 -35.57 -3.90 -12.73
N ILE B 538 -34.57 -3.63 -11.90
CA ILE B 538 -34.77 -3.41 -10.48
C ILE B 538 -35.19 -1.96 -10.31
N ALA B 539 -36.44 -1.73 -9.94
CA ALA B 539 -37.01 -0.40 -9.99
C ALA B 539 -37.67 -0.04 -8.67
N HIS B 540 -37.46 1.20 -8.24
CA HIS B 540 -38.22 1.81 -7.16
C HIS B 540 -39.13 2.92 -7.65
N ARG B 541 -38.89 3.44 -8.85
CA ARG B 541 -39.79 4.38 -9.51
C ARG B 541 -40.72 3.57 -10.40
N LEU B 542 -41.84 3.13 -9.83
CA LEU B 542 -42.74 2.22 -10.51
C LEU B 542 -43.34 2.81 -11.78
N ARG B 543 -43.12 4.10 -12.04
CA ARG B 543 -43.61 4.69 -13.28
C ARG B 543 -42.73 4.36 -14.47
N THR B 544 -41.52 3.87 -14.24
CA THR B 544 -40.62 3.49 -15.32
C THR B 544 -40.76 2.04 -15.73
N ILE B 545 -41.55 1.25 -15.00
CA ILE B 545 -41.69 -0.17 -15.26
C ILE B 545 -43.16 -0.49 -15.48
N ALA B 546 -43.94 0.50 -15.90
CA ALA B 546 -45.36 0.27 -16.15
C ALA B 546 -45.57 -0.49 -17.45
N ASP B 547 -44.69 -0.30 -18.42
CA ASP B 547 -44.75 -0.97 -19.71
C ASP B 547 -44.16 -2.38 -19.67
N ALA B 548 -43.86 -2.89 -18.48
CA ALA B 548 -43.25 -4.20 -18.36
C ALA B 548 -44.27 -5.30 -18.63
N ASP B 549 -43.79 -6.41 -19.18
CA ASP B 549 -44.63 -7.55 -19.50
C ASP B 549 -44.79 -8.52 -18.34
N LYS B 550 -44.00 -8.37 -17.29
CA LYS B 550 -44.12 -9.23 -16.11
C LYS B 550 -43.44 -8.54 -14.94
N ILE B 551 -44.22 -8.27 -13.90
CA ILE B 551 -43.71 -7.63 -12.70
C ILE B 551 -43.61 -8.68 -11.60
N ILE B 552 -42.42 -8.83 -11.04
CA ILE B 552 -42.13 -9.81 -10.01
C ILE B 552 -41.97 -9.05 -8.70
N VAL B 553 -42.95 -9.18 -7.81
CA VAL B 553 -42.93 -8.52 -6.51
C VAL B 553 -42.49 -9.55 -5.48
N LEU B 554 -41.42 -9.23 -4.76
CA LEU B 554 -40.92 -10.13 -3.72
C LEU B 554 -40.74 -9.37 -2.41
N ASP B 555 -41.00 -10.08 -1.32
CA ASP B 555 -40.83 -9.53 0.02
C ASP B 555 -40.29 -10.61 0.94
N ASN B 556 -39.45 -10.20 1.89
CA ASN B 556 -38.81 -11.10 2.84
C ASN B 556 -38.28 -12.34 2.14
N GLY B 557 -37.66 -12.14 0.98
CA GLY B 557 -37.05 -13.25 0.26
C GLY B 557 -38.02 -14.28 -0.27
N ARG B 558 -39.19 -13.85 -0.71
CA ARG B 558 -40.19 -14.75 -1.25
C ARG B 558 -41.04 -14.00 -2.25
N VAL B 559 -41.29 -14.62 -3.40
CA VAL B 559 -42.06 -14.00 -4.47
C VAL B 559 -43.54 -14.06 -4.09
N ARG B 560 -44.14 -12.88 -3.89
CA ARG B 560 -45.53 -12.80 -3.45
C ARG B 560 -46.49 -12.66 -4.63
N GLU B 561 -46.18 -11.77 -5.56
CA GLU B 561 -47.05 -11.48 -6.69
C GLU B 561 -46.27 -11.57 -7.99
N GLU B 562 -46.99 -11.89 -9.07
CA GLU B 562 -46.39 -11.97 -10.39
C GLU B 562 -47.47 -11.69 -11.42
N GLY B 563 -47.23 -10.72 -12.28
CA GLY B 563 -48.19 -10.37 -13.31
C GLY B 563 -47.92 -8.98 -13.86
N LYS B 564 -48.74 -8.63 -14.84
CA LYS B 564 -48.59 -7.35 -15.52
C LYS B 564 -49.02 -6.21 -14.60
N HIS B 565 -48.91 -4.98 -15.12
CA HIS B 565 -49.18 -3.79 -14.32
C HIS B 565 -50.62 -3.78 -13.81
N LEU B 566 -51.57 -3.72 -14.73
CA LEU B 566 -52.97 -3.57 -14.34
C LEU B 566 -53.49 -4.81 -13.62
N GLU B 567 -52.98 -5.99 -13.97
CA GLU B 567 -53.42 -7.21 -13.29
C GLU B 567 -53.16 -7.14 -11.80
N LEU B 568 -52.14 -6.39 -11.39
CA LEU B 568 -51.82 -6.21 -9.98
C LEU B 568 -52.45 -4.95 -9.40
N LEU B 569 -52.46 -3.86 -10.18
CA LEU B 569 -53.05 -2.62 -9.69
C LEU B 569 -54.55 -2.79 -9.47
N ALA B 570 -55.26 -3.36 -10.44
CA ALA B 570 -56.69 -3.61 -10.32
C ALA B 570 -56.94 -4.97 -9.68
N MET B 571 -56.38 -5.13 -8.48
CA MET B 571 -56.55 -6.35 -7.70
C MET B 571 -56.37 -6.04 -6.22
N PRO B 572 -57.42 -6.18 -5.41
CA PRO B 572 -57.29 -5.83 -3.99
C PRO B 572 -56.35 -6.78 -3.26
N GLY B 573 -55.78 -6.27 -2.17
CA GLY B 573 -54.82 -7.04 -1.39
C GLY B 573 -53.44 -7.15 -2.01
N SER B 574 -53.13 -6.30 -2.99
CA SER B 574 -51.85 -6.37 -3.68
C SER B 574 -50.86 -5.37 -3.09
N LEU B 575 -49.64 -5.85 -2.86
CA LEU B 575 -48.59 -4.95 -2.39
C LEU B 575 -48.23 -3.93 -3.45
N TYR B 576 -48.20 -4.35 -4.72
CA TYR B 576 -47.93 -3.41 -5.80
C TYR B 576 -48.98 -2.29 -5.81
N ARG B 577 -50.22 -2.62 -5.47
CA ARG B 577 -51.26 -1.59 -5.42
C ARG B 577 -50.97 -0.58 -4.32
N GLU B 578 -50.52 -1.04 -3.15
CA GLU B 578 -50.18 -0.10 -2.08
C GLU B 578 -48.99 0.77 -2.47
N LEU B 579 -47.99 0.18 -3.11
CA LEU B 579 -46.84 0.96 -3.54
C LEU B 579 -47.25 2.03 -4.56
N TRP B 580 -48.07 1.64 -5.54
CA TRP B 580 -48.53 2.62 -6.53
C TRP B 580 -49.41 3.68 -5.90
N THR B 581 -50.20 3.31 -4.89
CA THR B 581 -51.02 4.29 -4.18
C THR B 581 -50.13 5.32 -3.50
N ILE B 582 -49.14 4.86 -2.74
CA ILE B 582 -48.24 5.79 -2.07
C ILE B 582 -47.40 6.57 -3.05
N GLN B 583 -47.20 6.05 -4.26
CA GLN B 583 -46.44 6.75 -5.29
C GLN B 583 -47.26 7.78 -6.05
N GLU B 584 -48.59 7.61 -6.09
CA GLU B 584 -49.44 8.53 -6.84
C GLU B 584 -49.72 9.81 -6.07
N ASP B 585 -50.01 9.72 -4.78
CA ASP B 585 -50.30 10.89 -3.96
C ASP B 585 -49.09 11.30 -3.13
PG ANP C . -26.90 14.75 -9.82
O1G ANP C . -26.74 13.52 -10.68
O2G ANP C . -26.29 14.51 -8.47
O3G ANP C . -28.37 15.06 -9.66
PB ANP C . -25.39 17.31 -9.62
O1B ANP C . -26.42 18.34 -9.33
O2B ANP C . -24.90 16.70 -8.33
N3B ANP C . -26.09 16.07 -10.59
PA ANP C . -22.65 18.25 -9.70
O1A ANP C . -22.24 17.03 -8.93
O2A ANP C . -22.76 19.42 -8.77
O3A ANP C . -24.11 17.99 -10.42
O5' ANP C . -21.50 18.59 -10.88
C5' ANP C . -21.89 19.52 -11.93
C4' ANP C . -20.87 19.49 -13.04
O4' ANP C . -19.37 19.59 -12.41
C3' ANP C . -20.95 18.36 -13.68
O3' ANP C . -20.60 18.54 -15.09
C2' ANP C . -19.89 17.46 -13.00
O2' ANP C . -19.46 16.52 -13.85
C1' ANP C . -18.76 18.45 -12.66
N9 ANP C . -18.01 18.03 -11.48
C8 ANP C . -18.25 17.54 -10.25
N7 ANP C . -17.08 17.37 -9.67
C5 ANP C . -16.14 17.75 -10.52
C6 ANP C . -14.77 17.79 -10.41
N6 ANP C . -13.88 17.41 -9.30
N1 ANP C . -14.05 18.22 -11.41
C2 ANP C . -14.65 18.63 -12.56
N3 ANP C . -15.99 18.60 -12.66
C4 ANP C . -16.73 18.17 -11.65
MG MG D . -25.24 15.21 -6.97
N1 LOP E . 52.19 8.18 19.08
C1 LOP E . 52.64 7.37 17.95
C2 LOP E . 52.71 5.91 18.29
O1 LOP E . 51.48 5.26 17.85
P1 LOP E . 51.15 3.78 18.40
O2 LOP E . 49.54 3.71 18.27
O3 LOP E . 51.47 3.75 19.86
O4 LOP E . 51.77 2.78 17.48
C3 LOP E . 48.77 4.94 18.34
C4 LOP E . 47.96 5.08 17.07
C5 LOP E . 46.56 4.53 17.19
O5 LOP E . 47.92 6.46 16.62
O6 LOP E . 45.67 5.58 17.63
C6 LOP E . 48.74 6.80 15.62
O7 LOP E . 49.87 6.41 15.56
C7 LOP E . 48.10 7.71 14.62
C8 LOP E . 47.48 8.91 15.23
C9 LOP E . 46.93 9.85 14.19
C10 LOP E . 45.46 9.68 13.93
C11 LOP E . 44.94 10.54 12.83
C12 LOP E . 43.49 10.94 13.00
C13 LOP E . 42.99 11.89 11.96
C14 LOP E . 41.52 12.12 12.05
C15 LOP E . 40.73 12.26 11.03
C16 LOP E . 39.59 13.23 10.95
C17 LOP E . 38.27 12.63 11.27
C18 LOP E . 37.11 13.59 11.16
C19 LOP E . 36.28 13.44 9.91
C20 LOP E . 34.80 13.66 10.12
C21 LOP E . 33.93 13.29 8.94
C22 LOP E . 32.53 12.86 9.32
C23 LOP E . 31.58 12.79 8.15
C24 LOP E . 44.42 5.50 17.23
O8 LOP E . 43.66 4.65 17.59
C25 LOP E . 44.06 6.59 16.29
C26 LOP E . 42.61 6.79 16.16
C27 LOP E . 42.25 8.21 15.82
C28 LOP E . 42.58 9.19 16.90
C29 LOP E . 41.60 10.34 17.04
C30 LOP E . 40.57 10.39 15.96
C31 LOP E . 39.92 11.74 15.79
C32 LOP E . 38.73 11.96 16.68
C33 LOP E . 37.85 13.11 16.25
C34 LOP E . 36.52 13.19 16.94
C35 LOP E . 35.45 13.86 16.10
N1 LOP F . 56.75 10.89 11.65
C1 LOP F . 56.75 9.68 10.85
C2 LOP F . 56.83 10.05 9.37
O1 LOP F . 56.60 11.42 9.21
P1 LOP F . 56.29 11.99 7.70
O2 LOP F . 54.67 12.20 7.50
O3 LOP F . 56.81 11.03 6.67
O4 LOP F . 56.99 13.33 7.52
C3 LOP F . 53.95 12.82 8.53
C4 LOP F . 52.60 13.31 7.99
C5 LOP F . 51.71 13.75 9.13
O5 LOP F . 52.82 14.39 7.13
O6 LOP F . 50.75 14.65 8.65
C6 LOP F . 52.62 14.07 5.78
O7 LOP F . 53.37 13.32 5.24
C7 LOP F . 51.47 14.69 5.01
C8 LOP F . 51.48 14.19 3.57
C9 LOP F . 50.48 14.99 2.74
C10 LOP F . 49.06 14.53 3.04
C11 LOP F . 48.26 15.60 3.79
C12 LOP F . 46.79 15.50 3.38
C24 LOP F . 49.42 14.35 9.00
O8 LOP F . 49.16 13.88 10.05
C25 LOP F . 48.29 14.66 8.01
C26 LOP F . 47.01 13.98 8.47
C27 LOP F . 46.03 13.90 7.30
C28 LOP F . 44.74 14.63 7.67
C29 LOP F . 43.61 13.61 7.86
C30 LOP F . 42.73 13.59 6.61
C31 LOP F . 41.39 14.24 6.95
C32 LOP F . 40.52 14.32 5.70
C33 LOP F . 40.50 12.97 4.99
C34 LOP F . 39.49 12.99 3.85
PG ANP G . -32.05 -1.99 -2.53
O1G ANP G . -31.76 -0.86 -1.59
O2G ANP G . -30.93 -2.13 -3.52
O3G ANP G . -33.34 -1.72 -3.27
PB ANP G . -31.73 -4.95 -2.35
O1B ANP G . -32.89 -5.52 -3.10
O2B ANP G . -30.59 -4.70 -3.30
N3B ANP G . -32.20 -3.46 -1.63
PA ANP G . -29.85 -6.90 -1.30
O1A ANP G . -28.73 -6.00 -1.75
O2A ANP G . -30.04 -8.01 -2.30
O3A ANP G . -31.24 -6.02 -1.19
O5' ANP G . -29.49 -7.56 0.20
C5' ANP G . -30.58 -8.17 0.93
C4' ANP G . -30.14 -8.46 2.35
O4' ANP G . -28.69 -9.20 2.34
C3' ANP G . -29.99 -7.34 3.00
O3' ANP G . -30.33 -7.53 4.41
C2' ANP G . -28.50 -7.00 2.86
O2' ANP G . -28.10 -6.24 3.88
C1' ANP G . -27.83 -8.38 2.90
N9 ANP G . -26.58 -8.38 2.13
C8 ANP G . -26.11 -7.95 0.95
N7 ANP G . -24.85 -8.31 0.88
C5 ANP G . -24.54 -8.96 1.99
C6 ANP G . -23.37 -9.54 2.42
N6 ANP G . -22.05 -9.63 1.77
N1 ANP G . -23.33 -10.14 3.58
C2 ANP G . -24.43 -10.18 4.37
N3 ANP G . -25.58 -9.61 3.95
C4 ANP G . -25.63 -9.00 2.77
MG MG H . -29.75 -3.32 -4.56
N1 LOP I . 47.60 -29.75 1.83
C1 LOP I . 47.86 -29.10 3.11
C2 LOP I . 48.63 -27.82 2.95
O1 LOP I . 47.69 -26.70 2.93
P1 LOP I . 48.21 -25.27 2.43
O2 LOP I . 46.85 -24.56 1.93
O3 LOP I . 49.06 -25.49 1.21
O4 LOP I . 48.78 -24.52 3.60
C3 LOP I . 45.75 -25.38 1.47
C4 LOP I . 44.53 -25.07 2.32
C5 LOP I . 43.63 -24.03 1.71
O5 LOP I . 43.78 -26.29 2.60
O6 LOP I . 42.64 -24.68 0.88
C6 LOP I . 43.94 -26.84 3.79
O7 LOP I . 45.01 -26.94 4.33
C7 LOP I . 42.66 -27.33 4.39
C8 LOP I . 41.90 -28.25 3.49
C9 LOP I . 40.67 -28.80 4.17
C10 LOP I . 39.42 -28.03 3.86
C11 LOP I . 38.22 -28.53 4.60
C12 LOP I . 36.91 -28.32 3.85
C13 LOP I . 35.72 -28.90 4.54
C14 LOP I . 34.44 -28.55 3.87
C15 LOP I . 33.33 -28.28 4.49
C16 LOP I . 31.96 -28.70 4.05
C17 LOP I . 31.23 -27.66 3.29
C18 LOP I . 29.84 -28.08 2.88
C19 LOP I . 28.72 -27.49 3.72
C20 LOP I . 27.48 -27.13 2.93
C21 LOP I . 26.46 -26.34 3.71
C22 LOP I . 25.60 -25.43 2.87
C23 LOP I . 24.38 -24.90 3.58
C24 LOP I . 41.47 -24.07 0.77
O8 LOP I . 41.31 -23.03 0.23
C25 LOP I . 40.38 -24.86 1.41
C26 LOP I . 39.04 -24.44 0.95
C27 LOP I . 38.04 -25.57 1.00
C28 LOP I . 38.35 -26.70 0.05
C29 LOP I . 37.13 -27.36 -0.54
C30 LOP I . 35.83 -26.92 0.06
C31 LOP I . 34.70 -27.87 -0.15
C32 LOP I . 33.95 -27.68 -1.45
C33 LOP I . 32.60 -28.34 -1.48
C34 LOP I . 31.72 -27.94 -2.63
C35 LOP I . 30.24 -28.07 -2.33
N1 LOP J . 47.47 -33.43 10.19
C1 LOP J . 47.64 -32.26 11.03
C2 LOP J . 46.99 -32.50 12.39
O1 LOP J . 46.20 -33.65 12.34
P1 LOP J . 45.13 -33.93 13.56
O2 LOP J . 43.62 -33.46 13.09
O3 LOP J . 45.55 -33.16 14.78
O4 LOP J . 45.11 -35.41 13.87
C3 LOP J . 43.17 -33.82 11.82
C4 LOP J . 41.65 -33.69 11.77
C5 LOP J . 41.16 -33.83 10.32
O5 LOP J . 41.07 -34.69 12.55
O6 LOP J . 39.82 -34.24 10.32
C6 LOP J . 40.52 -34.21 13.74
O7 LOP J . 41.22 -33.77 14.59
C7 LOP J . 39.01 -34.26 13.94
C8 LOP J . 38.67 -33.68 15.32
C9 LOP J . 37.20 -33.95 15.62
C10 LOP J . 36.30 -32.98 14.85
C11 LOP J . 35.51 -33.71 13.77
C12 LOP J . 34.16 -33.01 13.59
C24 LOP J . 38.96 -33.47 9.53
O8 LOP J . 39.34 -33.02 8.49
C25 LOP J . 37.53 -33.21 9.98
C26 LOP J . 36.90 -32.13 9.11
C27 LOP J . 35.67 -31.57 9.82
C28 LOP J . 34.44 -31.75 8.93
C29 LOP J . 33.98 -30.39 8.41
C30 LOP J . 32.77 -29.91 9.20
C31 LOP J . 31.52 -30.01 8.33
C32 LOP J . 30.29 -29.63 9.14
C33 LOP J . 30.54 -28.33 9.89
C34 LOP J . 29.25 -27.86 10.55
#